data_6O66
#
_entry.id   6O66
#
_cell.length_a   124.375
_cell.length_b   124.375
_cell.length_c   129.304
_cell.angle_alpha   90.00
_cell.angle_beta   90.00
_cell.angle_gamma   120.00
#
_symmetry.space_group_name_H-M   'P 31'
#
loop_
_entity.id
_entity.type
_entity.pdbx_description
1 polymer Acetylcholinesterase
2 non-polymer 4-carbamoyl-1-(3-{2-[(E)-(hydroxyimino)methyl]-1H-imidazol-1-yl}propyl)pyridin-1-ium
3 non-polymer GLYCEROL
4 water water
#
_entity_poly.entity_id   1
_entity_poly.type   'polypeptide(L)'
_entity_poly.pdbx_seq_one_letter_code
;GPLEGREDAELLVTVRGGRLRGIRLKTPGGPVSAFLGIPFAEPPMGPRRFLPPEPKQPWSGVVDATTFQSVCYQYVDTLY
PGFEGTEMWNPNRELSEDCLYLNVWTPYPRPTSPTPVLVWIYGGGFYSGASSLDVYDGRFLVQAERTVLVSMNYRVGAFG
FLALPGSREAPGNVGLLDQRLALQWVQENVAAFGGDPTSVTLFGE(SVX)AGAASVGMHLLSPPSRGLFHRAVLQSGAPN
GPWATVGMGEARRRATQLAHLVGCPPGGTGGNDTELVACLRTRPAQVLVNHEWHVLPQESVFRFSFVPVVDGDFLSDTPE
ALINAGDFHGLQVLVGVVKDEGSYFLVYGAPGFSKDNESLISRAEFLAGVRVGVPQVSDLAAEAVVLHYTDWLHPEDPAR
LREALSDVVGDHNVVCPVAQLAGRLAAQGARVYAYVFEHRASTLSWPLWMGVPHGYEIEFIFGIPLDPSRNYTAEEKIFA
QRLMRYWANFARTGDPNEPRDPKAPQWPPYTAGAQQYVSLDLRPLEVRRGLRAQACAFWNRFLPKLLSATDTLD
;
_entity_poly.pdbx_strand_id   A,B
#
loop_
_chem_comp.id
_chem_comp.type
_chem_comp.name
_chem_comp.formula
GOL non-polymer GLYCEROL 'C3 H8 O3'
LND non-polymer 4-carbamoyl-1-(3-{2-[(E)-(hydroxyimino)methyl]-1H-imidazol-1-yl}propyl)pyridin-1-ium 'C13 H16 N5 O2 1'
#
# COMPACT_ATOMS: atom_id res chain seq x y z
N GLU A 7 -13.22 -24.83 -35.49
CA GLU A 7 -12.49 -23.58 -35.18
C GLU A 7 -13.27 -22.33 -35.58
N ASP A 8 -12.54 -21.46 -36.26
CA ASP A 8 -13.04 -20.38 -37.12
C ASP A 8 -11.91 -20.08 -38.08
N ALA A 9 -12.17 -20.00 -39.40
CA ALA A 9 -11.08 -19.70 -40.33
C ALA A 9 -10.50 -18.32 -40.06
N GLU A 10 -11.30 -17.42 -39.51
CA GLU A 10 -10.88 -16.05 -39.27
C GLU A 10 -10.19 -15.85 -37.93
N LEU A 11 -10.12 -16.87 -37.10
CA LEU A 11 -9.32 -16.82 -35.87
C LEU A 11 -7.87 -17.21 -36.11
N LEU A 12 -7.49 -17.48 -37.36
CA LEU A 12 -6.11 -17.78 -37.73
C LEU A 12 -5.62 -16.69 -38.66
N VAL A 13 -4.50 -16.06 -38.30
CA VAL A 13 -3.94 -14.95 -39.05
C VAL A 13 -2.43 -15.08 -39.08
N THR A 14 -1.84 -14.82 -40.24
CA THR A 14 -0.39 -14.79 -40.41
C THR A 14 0.07 -13.35 -40.52
N VAL A 15 1.04 -12.97 -39.67
CA VAL A 15 1.66 -11.66 -39.74
C VAL A 15 3.12 -11.87 -40.17
N ARG A 16 3.90 -10.78 -40.21
CA ARG A 16 5.27 -10.87 -40.69
C ARG A 16 6.15 -11.72 -39.81
N GLY A 17 5.81 -11.90 -38.54
CA GLY A 17 6.63 -12.66 -37.63
C GLY A 17 6.27 -14.13 -37.53
N GLY A 18 5.06 -14.47 -37.97
CA GLY A 18 4.59 -15.84 -37.90
C GLY A 18 3.07 -15.87 -37.85
N ARG A 19 2.56 -16.99 -37.37
CA ARG A 19 1.12 -17.23 -37.30
C ARG A 19 0.59 -16.97 -35.91
N LEU A 20 -0.70 -16.65 -35.84
CA LEU A 20 -1.38 -16.34 -34.60
C LEU A 20 -2.73 -17.03 -34.58
N ARG A 21 -3.24 -17.27 -33.37
CA ARG A 21 -4.58 -17.81 -33.17
C ARG A 21 -5.32 -16.90 -32.20
N GLY A 22 -6.41 -16.30 -32.66
CA GLY A 22 -7.20 -15.39 -31.86
C GLY A 22 -8.35 -16.07 -31.15
N ILE A 23 -9.28 -15.25 -30.67
CA ILE A 23 -10.44 -15.71 -29.92
C ILE A 23 -11.63 -14.86 -30.30
N ARG A 24 -12.82 -15.48 -30.30
CA ARG A 24 -14.06 -14.77 -30.59
C ARG A 24 -14.67 -14.24 -29.30
N LEU A 25 -15.06 -12.97 -29.32
CA LEU A 25 -15.68 -12.31 -28.17
C LEU A 25 -17.16 -12.07 -28.46
N LYS A 26 -18.00 -12.32 -27.47
CA LYS A 26 -19.43 -12.13 -27.60
C LYS A 26 -19.84 -10.74 -27.17
N THR A 27 -20.72 -10.12 -27.94
CA THR A 27 -21.36 -8.86 -27.61
C THR A 27 -22.85 -9.01 -27.87
N PRO A 28 -23.68 -8.15 -27.28
CA PRO A 28 -25.12 -8.20 -27.58
C PRO A 28 -25.45 -7.94 -29.05
N GLY A 29 -24.51 -7.40 -29.82
CA GLY A 29 -24.77 -7.09 -31.22
C GLY A 29 -24.12 -8.03 -32.20
N GLY A 30 -23.24 -8.91 -31.71
CA GLY A 30 -22.56 -9.85 -32.58
C GLY A 30 -21.15 -10.15 -32.11
N PRO A 31 -20.51 -11.11 -32.76
CA PRO A 31 -19.16 -11.52 -32.34
C PRO A 31 -18.08 -10.60 -32.91
N VAL A 32 -16.93 -10.65 -32.26
CA VAL A 32 -15.74 -9.89 -32.66
C VAL A 32 -14.53 -10.80 -32.53
N SER A 33 -13.64 -10.73 -33.51
CA SER A 33 -12.39 -11.50 -33.47
C SER A 33 -11.31 -10.67 -32.77
N ALA A 34 -10.69 -11.25 -31.75
CA ALA A 34 -9.67 -10.58 -30.96
C ALA A 34 -8.38 -11.38 -30.99
N PHE A 35 -7.27 -10.67 -31.13
CA PHE A 35 -5.93 -11.27 -31.12
C PHE A 35 -5.13 -10.58 -30.02
N LEU A 36 -5.19 -11.14 -28.81
CA LEU A 36 -4.64 -10.52 -27.62
C LEU A 36 -3.28 -11.10 -27.29
N GLY A 37 -2.31 -10.23 -27.05
CA GLY A 37 -1.00 -10.66 -26.61
C GLY A 37 -0.03 -10.97 -27.74
N ILE A 38 -0.08 -10.18 -28.81
CA ILE A 38 0.83 -10.35 -29.94
C ILE A 38 2.18 -9.75 -29.58
N PRO A 39 3.26 -10.54 -29.58
CA PRO A 39 4.59 -9.97 -29.30
C PRO A 39 5.05 -9.09 -30.46
N PHE A 40 5.32 -7.82 -30.17
CA PHE A 40 5.84 -6.90 -31.16
C PHE A 40 7.27 -6.47 -30.87
N ALA A 41 7.87 -6.94 -29.79
CA ALA A 41 9.23 -6.58 -29.45
C ALA A 41 9.88 -7.70 -28.65
N GLU A 42 11.20 -7.77 -28.72
CA GLU A 42 11.94 -8.69 -27.87
C GLU A 42 11.77 -8.28 -26.41
N PRO A 43 11.63 -9.24 -25.49
CA PRO A 43 11.45 -8.90 -24.08
C PRO A 43 12.62 -8.07 -23.57
N PRO A 44 12.35 -6.80 -23.12
CA PRO A 44 13.43 -5.89 -22.66
C PRO A 44 13.93 -6.27 -21.27
N MET A 45 14.58 -7.43 -21.18
CA MET A 45 15.02 -7.98 -19.91
C MET A 45 16.53 -8.08 -19.88
N GLY A 46 17.06 -8.23 -18.67
CA GLY A 46 18.48 -8.38 -18.45
C GLY A 46 19.27 -7.17 -18.93
N PRO A 47 20.19 -7.41 -19.88
CA PRO A 47 20.98 -6.29 -20.43
C PRO A 47 20.16 -5.31 -21.25
N ARG A 48 18.91 -5.63 -21.57
CA ARG A 48 18.06 -4.76 -22.36
C ARG A 48 17.23 -3.79 -21.52
N ARG A 49 17.29 -3.89 -20.20
CA ARG A 49 16.58 -2.95 -19.35
C ARG A 49 17.10 -1.54 -19.59
N PHE A 50 16.16 -0.59 -19.70
CA PHE A 50 16.39 0.83 -19.98
C PHE A 50 16.80 1.09 -21.43
N LEU A 51 16.87 0.06 -22.29
CA LEU A 51 17.29 0.24 -23.66
C LEU A 51 16.08 0.32 -24.60
N PRO A 52 16.24 0.96 -25.76
CA PRO A 52 15.15 1.01 -26.71
C PRO A 52 14.75 -0.39 -27.16
N PRO A 53 13.50 -0.57 -27.57
CA PRO A 53 13.05 -1.91 -27.96
C PRO A 53 13.60 -2.32 -29.31
N GLU A 54 13.63 -3.63 -29.53
CA GLU A 54 13.96 -4.22 -30.81
C GLU A 54 12.75 -4.98 -31.34
N PRO A 55 12.59 -5.07 -32.66
CA PRO A 55 11.46 -5.81 -33.21
C PRO A 55 11.50 -7.28 -32.79
N LYS A 56 10.32 -7.85 -32.61
CA LYS A 56 10.21 -9.27 -32.28
C LYS A 56 10.71 -10.12 -33.43
N GLN A 57 11.66 -11.00 -33.16
CA GLN A 57 12.18 -11.87 -34.19
C GLN A 57 11.11 -12.91 -34.56
N PRO A 58 11.07 -13.33 -35.83
CA PRO A 58 10.02 -14.25 -36.27
C PRO A 58 10.05 -15.56 -35.51
N TRP A 59 8.87 -16.17 -35.35
CA TRP A 59 8.69 -17.35 -34.55
C TRP A 59 8.15 -18.50 -35.40
N SER A 60 8.42 -19.72 -34.95
CA SER A 60 7.88 -20.92 -35.57
C SER A 60 6.55 -21.29 -34.93
N GLY A 61 5.74 -22.04 -35.68
CA GLY A 61 4.48 -22.50 -35.15
C GLY A 61 3.45 -21.37 -35.02
N VAL A 62 2.45 -21.64 -34.20
CA VAL A 62 1.32 -20.73 -33.99
C VAL A 62 1.41 -20.18 -32.57
N VAL A 63 1.60 -18.86 -32.47
CA VAL A 63 1.59 -18.20 -31.17
C VAL A 63 0.15 -18.06 -30.71
N ASP A 64 -0.11 -18.43 -29.45
CA ASP A 64 -1.44 -18.30 -28.88
C ASP A 64 -1.75 -16.85 -28.59
N ALA A 65 -2.80 -16.32 -29.23
CA ALA A 65 -3.20 -14.94 -28.99
C ALA A 65 -4.65 -14.88 -28.51
N THR A 66 -4.95 -15.64 -27.45
CA THR A 66 -6.31 -15.75 -26.94
C THR A 66 -6.51 -15.07 -25.60
N THR A 67 -5.46 -14.50 -25.01
CA THR A 67 -5.58 -13.85 -23.71
C THR A 67 -4.51 -12.76 -23.60
N PHE A 68 -4.78 -11.80 -22.72
CA PHE A 68 -3.86 -10.70 -22.50
C PHE A 68 -2.56 -11.20 -21.88
N GLN A 69 -1.47 -10.56 -22.25
CA GLN A 69 -0.15 -10.92 -21.73
C GLN A 69 0.12 -10.18 -20.43
N SER A 70 1.36 -10.21 -19.97
CA SER A 70 1.70 -9.67 -18.66
C SER A 70 1.67 -8.14 -18.66
N VAL A 71 1.39 -7.59 -17.49
CA VAL A 71 1.44 -6.14 -17.28
C VAL A 71 2.88 -5.74 -17.00
N CYS A 72 3.30 -4.62 -17.58
CA CYS A 72 4.64 -4.10 -17.33
C CYS A 72 4.79 -3.75 -15.86
N TYR A 73 5.98 -4.00 -15.32
CA TYR A 73 6.25 -3.77 -13.90
C TYR A 73 5.93 -2.32 -13.52
N GLN A 74 5.12 -2.17 -12.48
CA GLN A 74 4.60 -0.85 -12.13
C GLN A 74 4.14 -0.86 -10.69
N TYR A 75 4.00 0.35 -10.14
CA TYR A 75 3.46 0.53 -8.80
C TYR A 75 1.98 0.14 -8.78
N VAL A 76 1.56 -0.42 -7.64
CA VAL A 76 0.18 -0.85 -7.43
C VAL A 76 -0.46 0.08 -6.41
N ASP A 77 -1.60 0.66 -6.76
CA ASP A 77 -2.26 1.62 -5.90
C ASP A 77 -2.82 0.95 -4.65
N THR A 78 -2.53 1.53 -3.48
CA THR A 78 -2.98 0.97 -2.20
C THR A 78 -3.71 2.01 -1.34
N LEU A 79 -4.15 3.12 -1.94
CA LEU A 79 -4.77 4.18 -1.16
C LEU A 79 -6.08 3.71 -0.54
N TYR A 80 -6.89 2.98 -1.32
CA TYR A 80 -8.17 2.45 -0.85
C TYR A 80 -8.25 0.98 -1.24
N PRO A 81 -7.72 0.08 -0.41
CA PRO A 81 -7.77 -1.35 -0.73
C PRO A 81 -9.21 -1.84 -0.87
N GLY A 82 -9.43 -2.65 -1.89
CA GLY A 82 -10.74 -3.21 -2.16
C GLY A 82 -11.73 -2.26 -2.81
N PHE A 83 -11.31 -1.03 -3.12
CA PHE A 83 -12.21 -0.04 -3.69
C PHE A 83 -12.23 -0.17 -5.20
N GLU A 84 -13.44 -0.17 -5.77
CA GLU A 84 -13.60 -0.31 -7.21
C GLU A 84 -13.00 0.87 -7.97
N GLY A 85 -13.13 2.08 -7.42
CA GLY A 85 -12.68 3.26 -8.12
C GLY A 85 -11.19 3.32 -8.37
N THR A 86 -10.41 2.72 -7.46
CA THR A 86 -8.95 2.71 -7.62
C THR A 86 -8.44 1.41 -8.24
N GLU A 87 -8.99 0.27 -7.86
CA GLU A 87 -8.47 -1.01 -8.33
C GLU A 87 -8.86 -1.34 -9.76
N MET A 88 -9.77 -0.57 -10.36
CA MET A 88 -10.07 -0.77 -11.78
C MET A 88 -8.90 -0.38 -12.67
N TRP A 89 -7.95 0.39 -12.15
CA TRP A 89 -6.76 0.77 -12.89
C TRP A 89 -5.53 -0.07 -12.53
N ASN A 90 -5.61 -0.86 -11.46
CA ASN A 90 -4.49 -1.69 -11.04
C ASN A 90 -4.28 -2.83 -12.03
N PRO A 91 -3.08 -3.43 -12.05
CA PRO A 91 -2.81 -4.53 -12.98
C PRO A 91 -3.76 -5.70 -12.74
N ASN A 92 -4.32 -6.22 -13.84
CA ASN A 92 -5.16 -7.41 -13.79
C ASN A 92 -4.48 -8.63 -14.37
N ARG A 93 -3.21 -8.51 -14.78
CA ARG A 93 -2.35 -9.63 -15.10
C ARG A 93 -1.08 -9.50 -14.27
N GLU A 94 -0.34 -10.60 -14.16
CA GLU A 94 0.87 -10.58 -13.34
C GLU A 94 1.92 -9.68 -13.95
N LEU A 95 2.73 -9.07 -13.09
CA LEU A 95 3.77 -8.14 -13.52
C LEU A 95 4.97 -8.89 -14.07
N SER A 96 5.61 -8.29 -15.08
CA SER A 96 6.79 -8.85 -15.71
C SER A 96 7.42 -7.81 -16.61
N GLU A 97 8.75 -7.84 -16.72
CA GLU A 97 9.42 -7.02 -17.71
C GLU A 97 9.18 -7.53 -19.12
N ASP A 98 8.83 -8.81 -19.27
CA ASP A 98 8.39 -9.36 -20.54
C ASP A 98 6.94 -8.97 -20.73
N CYS A 99 6.73 -7.76 -21.26
CA CYS A 99 5.39 -7.20 -21.35
C CYS A 99 5.10 -6.49 -22.67
N LEU A 100 6.03 -6.48 -23.63
CA LEU A 100 5.84 -5.73 -24.86
C LEU A 100 4.99 -6.55 -25.83
N TYR A 101 3.68 -6.52 -25.59
CA TYR A 101 2.70 -7.21 -26.41
C TYR A 101 1.57 -6.24 -26.75
N LEU A 102 0.95 -6.46 -27.91
CA LEU A 102 -0.15 -5.62 -28.35
C LEU A 102 -1.37 -6.48 -28.66
N ASN A 103 -2.50 -5.81 -28.84
CA ASN A 103 -3.78 -6.48 -29.07
C ASN A 103 -4.44 -5.88 -30.31
N VAL A 104 -5.24 -6.71 -30.99
CA VAL A 104 -5.93 -6.32 -32.20
C VAL A 104 -7.36 -6.84 -32.14
N TRP A 105 -8.33 -5.93 -32.18
CA TRP A 105 -9.75 -6.28 -32.34
C TRP A 105 -10.17 -5.99 -33.76
N THR A 106 -10.88 -6.93 -34.37
CA THR A 106 -11.36 -6.79 -35.74
C THR A 106 -12.78 -7.34 -35.82
N PRO A 107 -13.64 -6.73 -36.63
CA PRO A 107 -15.04 -7.16 -36.68
C PRO A 107 -15.21 -8.53 -37.29
N TYR A 108 -16.35 -9.15 -36.98
CA TYR A 108 -16.74 -10.39 -37.65
C TYR A 108 -18.01 -10.15 -38.47
N PRO A 109 -17.99 -10.52 -39.77
CA PRO A 109 -16.82 -11.10 -40.45
C PRO A 109 -15.72 -10.08 -40.70
N ARG A 110 -14.50 -10.57 -40.93
CA ARG A 110 -13.36 -9.69 -41.15
C ARG A 110 -13.65 -8.75 -42.32
N PRO A 111 -13.30 -7.47 -42.22
CA PRO A 111 -13.52 -6.55 -43.33
C PRO A 111 -12.75 -7.00 -44.57
N THR A 112 -13.45 -7.01 -45.71
CA THR A 112 -12.82 -7.40 -46.96
C THR A 112 -12.06 -6.24 -47.60
N SER A 113 -12.50 -5.01 -47.36
CA SER A 113 -11.89 -3.77 -47.80
C SER A 113 -11.15 -3.10 -46.65
N PRO A 114 -10.13 -2.29 -46.94
CA PRO A 114 -9.37 -1.62 -45.87
C PRO A 114 -10.27 -0.76 -45.00
N THR A 115 -10.18 -0.95 -43.69
CA THR A 115 -10.97 -0.31 -42.65
C THR A 115 -10.09 0.59 -41.78
N PRO A 116 -10.56 1.78 -41.43
CA PRO A 116 -9.77 2.67 -40.56
C PRO A 116 -9.41 1.99 -39.24
N VAL A 117 -8.29 2.43 -38.67
CA VAL A 117 -7.70 1.79 -37.50
C VAL A 117 -7.63 2.78 -36.35
N LEU A 118 -8.14 2.37 -35.18
CA LEU A 118 -7.98 3.12 -33.95
C LEU A 118 -6.90 2.46 -33.11
N VAL A 119 -6.00 3.26 -32.56
CA VAL A 119 -4.88 2.77 -31.76
C VAL A 119 -4.94 3.45 -30.39
N TRP A 120 -5.15 2.64 -29.35
CA TRP A 120 -5.31 3.14 -27.99
C TRP A 120 -3.98 3.15 -27.25
N ILE A 121 -3.75 4.22 -26.49
CA ILE A 121 -2.58 4.36 -25.63
C ILE A 121 -3.11 4.68 -24.23
N TYR A 122 -2.95 3.75 -23.30
CA TYR A 122 -3.49 3.94 -21.97
C TYR A 122 -2.72 5.02 -21.21
N GLY A 123 -3.39 5.61 -20.22
CA GLY A 123 -2.78 6.57 -19.33
C GLY A 123 -2.26 5.92 -18.06
N GLY A 124 -1.91 6.77 -17.11
CA GLY A 124 -1.39 6.29 -15.85
C GLY A 124 -0.14 7.02 -15.40
N GLY A 125 -0.03 8.29 -15.78
CA GLY A 125 1.07 9.13 -15.34
C GLY A 125 2.44 8.63 -15.70
N PHE A 126 2.55 7.80 -16.75
CA PHE A 126 3.79 7.17 -17.19
C PHE A 126 4.41 6.25 -16.13
N TYR A 127 3.67 5.95 -15.06
CA TYR A 127 4.14 5.03 -14.04
C TYR A 127 3.30 3.77 -13.91
N SER A 128 2.14 3.70 -14.57
CA SER A 128 1.22 2.58 -14.42
C SER A 128 0.37 2.48 -15.68
N GLY A 129 -0.52 1.51 -15.70
CA GLY A 129 -1.41 1.29 -16.81
C GLY A 129 -1.14 -0.03 -17.51
N ALA A 130 -2.15 -0.50 -18.23
CA ALA A 130 -2.08 -1.76 -18.95
C ALA A 130 -3.19 -1.80 -19.98
N SER A 131 -2.91 -2.43 -21.12
CA SER A 131 -3.91 -2.58 -22.17
C SER A 131 -4.96 -3.64 -21.83
N SER A 132 -4.77 -4.41 -20.76
CA SER A 132 -5.65 -5.51 -20.41
C SER A 132 -6.79 -5.09 -19.48
N LEU A 133 -6.85 -3.83 -19.07
CA LEU A 133 -7.88 -3.39 -18.14
C LEU A 133 -9.26 -3.56 -18.74
N ASP A 134 -10.22 -3.97 -17.89
CA ASP A 134 -11.58 -4.22 -18.36
C ASP A 134 -12.19 -3.00 -19.03
N VAL A 135 -11.85 -1.80 -18.56
CA VAL A 135 -12.42 -0.58 -19.11
C VAL A 135 -11.88 -0.24 -20.49
N TYR A 136 -10.86 -0.97 -20.95
CA TYR A 136 -10.32 -0.79 -22.30
C TYR A 136 -10.77 -1.87 -23.26
N ASP A 137 -11.76 -2.67 -22.89
CA ASP A 137 -12.24 -3.74 -23.74
C ASP A 137 -12.83 -3.18 -25.03
N GLY A 138 -12.24 -3.55 -26.15
CA GLY A 138 -12.62 -2.97 -27.43
C GLY A 138 -13.59 -3.80 -28.25
N ARG A 139 -14.33 -4.70 -27.60
CA ARG A 139 -15.27 -5.52 -28.34
C ARG A 139 -16.53 -4.77 -28.71
N PHE A 140 -16.91 -3.76 -27.92
CA PHE A 140 -18.14 -3.01 -28.21
C PHE A 140 -17.90 -1.92 -29.24
N LEU A 141 -16.73 -1.27 -29.19
CA LEU A 141 -16.41 -0.23 -30.17
C LEU A 141 -16.20 -0.83 -31.56
N VAL A 142 -15.62 -2.03 -31.63
CA VAL A 142 -15.36 -2.65 -32.92
C VAL A 142 -16.63 -3.24 -33.50
N GLN A 143 -17.51 -3.79 -32.66
CA GLN A 143 -18.76 -4.35 -33.16
C GLN A 143 -19.70 -3.25 -33.64
N ALA A 144 -19.84 -2.18 -32.86
CA ALA A 144 -20.84 -1.17 -33.17
C ALA A 144 -20.44 -0.29 -34.33
N GLU A 145 -19.14 -0.14 -34.59
CA GLU A 145 -18.66 0.79 -35.60
C GLU A 145 -17.81 0.13 -36.68
N ARG A 146 -17.59 -1.18 -36.60
CA ARG A 146 -16.83 -1.92 -37.62
C ARG A 146 -15.47 -1.28 -37.89
N THR A 147 -14.80 -0.88 -36.82
CA THR A 147 -13.45 -0.34 -36.87
C THR A 147 -12.46 -1.40 -36.41
N VAL A 148 -11.19 -1.20 -36.76
CA VAL A 148 -10.10 -2.03 -36.26
C VAL A 148 -9.44 -1.29 -35.11
N LEU A 149 -9.40 -1.93 -33.94
CA LEU A 149 -8.83 -1.33 -32.74
C LEU A 149 -7.56 -2.06 -32.36
N VAL A 150 -6.49 -1.29 -32.12
CA VAL A 150 -5.20 -1.81 -31.68
C VAL A 150 -4.82 -1.11 -30.38
N SER A 151 -4.23 -1.87 -29.46
CA SER A 151 -3.70 -1.30 -28.23
C SER A 151 -2.45 -2.07 -27.84
N MET A 152 -1.47 -1.36 -27.28
CA MET A 152 -0.19 -1.94 -26.93
C MET A 152 0.15 -1.64 -25.48
N ASN A 153 1.01 -2.48 -24.92
CA ASN A 153 1.66 -2.20 -23.65
C ASN A 153 2.98 -1.47 -23.92
N TYR A 154 3.29 -0.50 -23.07
CA TYR A 154 4.59 0.17 -23.11
C TYR A 154 5.14 0.27 -21.70
N ARG A 155 6.47 0.25 -21.62
CA ARG A 155 7.12 0.28 -20.32
C ARG A 155 6.83 1.60 -19.60
N VAL A 156 6.52 1.49 -18.31
CA VAL A 156 6.22 2.65 -17.48
C VAL A 156 7.25 2.70 -16.35
N GLY A 157 7.20 3.79 -15.59
CA GLY A 157 8.10 3.95 -14.47
C GLY A 157 9.55 4.03 -14.90
N ALA A 158 10.44 3.58 -14.02
CA ALA A 158 11.87 3.60 -14.30
C ALA A 158 12.21 2.75 -15.52
N PHE A 159 11.51 1.63 -15.68
CA PHE A 159 11.81 0.73 -16.79
C PHE A 159 11.53 1.39 -18.13
N GLY A 160 10.64 2.38 -18.16
CA GLY A 160 10.30 3.03 -19.40
C GLY A 160 10.86 4.44 -19.55
N PHE A 161 11.18 5.09 -18.44
CA PHE A 161 11.53 6.51 -18.52
C PHE A 161 12.64 6.94 -17.57
N LEU A 162 13.34 6.02 -16.90
CA LEU A 162 14.55 6.41 -16.21
C LEU A 162 15.59 6.86 -17.24
N ALA A 163 16.11 8.07 -17.05
CA ALA A 163 16.95 8.70 -18.06
C ALA A 163 18.21 9.24 -17.42
N LEU A 164 19.37 8.80 -17.92
CA LEU A 164 20.65 9.45 -17.69
C LEU A 164 21.04 10.09 -19.02
N PRO A 165 20.67 11.34 -19.26
CA PRO A 165 20.80 11.91 -20.60
C PRO A 165 22.23 11.94 -21.10
N GLY A 166 22.41 11.54 -22.35
CA GLY A 166 23.73 11.50 -22.96
C GLY A 166 24.27 10.10 -23.10
N SER A 167 24.07 9.28 -22.08
CA SER A 167 24.59 7.91 -22.09
C SER A 167 23.79 7.04 -23.04
N ARG A 168 24.40 5.91 -23.42
CA ARG A 168 23.74 4.92 -24.25
C ARG A 168 23.08 3.81 -23.43
N GLU A 169 23.38 3.72 -22.14
CA GLU A 169 22.80 2.64 -21.33
C GLU A 169 21.40 2.98 -20.84
N ALA A 170 21.09 4.27 -20.67
CA ALA A 170 19.77 4.71 -20.22
C ALA A 170 19.43 6.03 -20.88
N PRO A 171 19.07 6.00 -22.18
CA PRO A 171 18.80 7.25 -22.89
C PRO A 171 17.48 7.89 -22.50
N GLY A 172 16.55 7.14 -21.95
CA GLY A 172 15.23 7.65 -21.63
C GLY A 172 14.28 7.56 -22.82
N ASN A 173 13.00 7.80 -22.52
CA ASN A 173 11.92 7.80 -23.50
C ASN A 173 11.72 6.45 -24.18
N VAL A 174 12.30 5.37 -23.64
CA VAL A 174 12.16 4.07 -24.27
C VAL A 174 10.71 3.60 -24.23
N GLY A 175 9.92 4.09 -23.26
CA GLY A 175 8.51 3.78 -23.24
C GLY A 175 7.77 4.39 -24.42
N LEU A 176 8.17 5.60 -24.82
CA LEU A 176 7.61 6.20 -26.03
C LEU A 176 8.06 5.44 -27.27
N LEU A 177 9.30 4.93 -27.26
CA LEU A 177 9.78 4.13 -28.37
C LEU A 177 9.03 2.80 -28.48
N ASP A 178 8.63 2.23 -27.33
CA ASP A 178 7.77 1.06 -27.34
C ASP A 178 6.48 1.34 -28.11
N GLN A 179 5.87 2.49 -27.85
CA GLN A 179 4.64 2.86 -28.56
C GLN A 179 4.91 3.05 -30.04
N ARG A 180 6.05 3.67 -30.39
CA ARG A 180 6.38 3.87 -31.79
C ARG A 180 6.57 2.55 -32.52
N LEU A 181 7.28 1.60 -31.89
CA LEU A 181 7.47 0.29 -32.50
C LEU A 181 6.13 -0.40 -32.74
N ALA A 182 5.20 -0.26 -31.79
CA ALA A 182 3.87 -0.81 -31.99
C ALA A 182 3.16 -0.14 -33.15
N LEU A 183 3.44 1.14 -33.39
CA LEU A 183 2.87 1.82 -34.55
C LEU A 183 3.52 1.34 -35.85
N GLN A 184 4.84 1.10 -35.81
CA GLN A 184 5.50 0.49 -36.96
C GLN A 184 4.97 -0.91 -37.21
N TRP A 185 4.67 -1.66 -36.15
CA TRP A 185 4.04 -2.97 -36.31
C TRP A 185 2.66 -2.84 -36.95
N VAL A 186 1.93 -1.77 -36.61
CA VAL A 186 0.61 -1.55 -37.19
C VAL A 186 0.73 -1.22 -38.67
N GLN A 187 1.75 -0.44 -39.05
CA GLN A 187 1.93 -0.11 -40.46
C GLN A 187 2.29 -1.33 -41.29
N GLU A 188 2.90 -2.34 -40.68
CA GLU A 188 3.38 -3.51 -41.41
C GLU A 188 2.47 -4.72 -41.31
N ASN A 189 1.47 -4.71 -40.43
CA ASN A 189 0.68 -5.92 -40.21
C ASN A 189 -0.82 -5.70 -40.04
N VAL A 190 -1.32 -4.47 -39.93
CA VAL A 190 -2.74 -4.29 -39.70
C VAL A 190 -3.58 -4.67 -40.91
N ALA A 191 -2.98 -4.72 -42.10
CA ALA A 191 -3.72 -5.13 -43.29
C ALA A 191 -4.16 -6.58 -43.19
N ALA A 192 -3.35 -7.44 -42.54
CA ALA A 192 -3.72 -8.84 -42.38
C ALA A 192 -4.99 -9.02 -41.56
N PHE A 193 -5.37 -8.01 -40.77
CA PHE A 193 -6.59 -8.05 -39.99
C PHE A 193 -7.74 -7.28 -40.64
N GLY A 194 -7.53 -6.74 -41.84
CA GLY A 194 -8.55 -5.95 -42.51
C GLY A 194 -8.48 -4.47 -42.27
N GLY A 195 -7.39 -3.97 -41.68
CA GLY A 195 -7.26 -2.56 -41.36
C GLY A 195 -6.47 -1.79 -42.40
N ASP A 196 -6.85 -0.52 -42.57
CA ASP A 196 -6.19 0.36 -43.53
C ASP A 196 -5.02 1.04 -42.86
N PRO A 197 -3.77 0.74 -43.25
CA PRO A 197 -2.63 1.45 -42.66
C PRO A 197 -2.51 2.91 -43.08
N THR A 198 -3.35 3.37 -44.01
CA THR A 198 -3.34 4.77 -44.41
C THR A 198 -4.36 5.61 -43.65
N SER A 199 -5.14 5.00 -42.76
CA SER A 199 -6.15 5.71 -41.97
C SER A 199 -6.02 5.25 -40.51
N VAL A 200 -4.92 5.64 -39.87
CA VAL A 200 -4.63 5.27 -38.49
C VAL A 200 -4.89 6.48 -37.60
N THR A 201 -5.75 6.32 -36.60
CA THR A 201 -6.15 7.39 -35.70
C THR A 201 -5.71 7.02 -34.28
N LEU A 202 -4.72 7.74 -33.76
CA LEU A 202 -4.28 7.55 -32.39
C LEU A 202 -5.26 8.21 -31.42
N PHE A 203 -5.51 7.53 -30.30
CA PHE A 203 -6.29 8.14 -29.22
C PHE A 203 -5.83 7.58 -27.89
N GLY A 204 -5.69 8.47 -26.91
CA GLY A 204 -5.24 8.10 -25.58
C GLY A 204 -5.76 9.08 -24.55
N GLU A 205 -5.56 8.73 -23.29
CA GLU A 205 -6.10 9.49 -22.17
C GLU A 205 -5.01 9.79 -21.16
N SVX A 206 -5.08 10.97 -20.55
CA SVX A 206 -4.10 11.44 -19.57
C SVX A 206 -2.69 11.33 -20.10
CB SVX A 206 -4.24 10.67 -18.25
O SVX A 206 -2.31 12.03 -21.05
OG SVX A 206 -3.85 11.49 -17.16
P1 SVX A 206 -2.90 10.73 -16.10
C4 SVX A 206 -1.60 11.99 -15.67
C2 SVX A 206 -3.38 9.17 -14.06
O6 SVX A 206 -2.27 9.51 -16.70
O5 SVX A 206 -3.75 10.33 -14.74
C1 SVX A 206 -2.17 9.43 -13.16
N ALA A 207 -1.87 10.48 -19.48
CA ALA A 207 -0.51 10.27 -19.96
C ALA A 207 -0.51 9.66 -21.35
N GLY A 208 -1.56 8.89 -21.70
CA GLY A 208 -1.69 8.41 -23.05
C GLY A 208 -1.97 9.53 -24.05
N ALA A 209 -2.83 10.48 -23.66
CA ALA A 209 -3.07 11.63 -24.50
C ALA A 209 -1.80 12.46 -24.68
N ALA A 210 -1.01 12.60 -23.61
CA ALA A 210 0.27 13.28 -23.72
C ALA A 210 1.20 12.52 -24.66
N SER A 211 1.16 11.18 -24.63
CA SER A 211 1.97 10.39 -25.54
C SER A 211 1.56 10.62 -26.99
N VAL A 212 0.25 10.67 -27.24
CA VAL A 212 -0.24 10.95 -28.60
C VAL A 212 0.27 12.30 -29.07
N GLY A 213 0.31 13.29 -28.17
CA GLY A 213 0.81 14.60 -28.55
C GLY A 213 2.29 14.60 -28.85
N MET A 214 3.07 13.81 -28.11
CA MET A 214 4.51 13.75 -28.35
C MET A 214 4.82 13.04 -29.66
N HIS A 215 3.94 12.14 -30.12
CA HIS A 215 4.14 11.55 -31.43
C HIS A 215 3.83 12.53 -32.55
N LEU A 216 2.93 13.49 -32.30
CA LEU A 216 2.72 14.58 -33.25
C LEU A 216 3.99 15.40 -33.42
N LEU A 217 4.71 15.63 -32.33
CA LEU A 217 5.89 16.48 -32.32
C LEU A 217 7.18 15.74 -32.62
N SER A 218 7.12 14.43 -32.86
CA SER A 218 8.29 13.65 -33.20
C SER A 218 8.23 13.24 -34.66
N PRO A 219 9.19 13.67 -35.48
CA PRO A 219 9.14 13.37 -36.93
C PRO A 219 9.07 11.88 -37.22
N PRO A 220 9.91 11.04 -36.60
CA PRO A 220 9.82 9.60 -36.92
C PRO A 220 8.48 8.98 -36.59
N SER A 221 7.77 9.51 -35.59
CA SER A 221 6.47 8.97 -35.23
C SER A 221 5.36 9.58 -36.05
N ARG A 222 5.55 10.80 -36.56
CA ARG A 222 4.48 11.50 -37.24
C ARG A 222 4.01 10.78 -38.50
N GLY A 223 4.92 10.09 -39.18
CA GLY A 223 4.56 9.38 -40.39
C GLY A 223 3.85 8.05 -40.19
N LEU A 224 3.58 7.66 -38.96
CA LEU A 224 2.96 6.38 -38.66
C LEU A 224 1.46 6.50 -38.39
N PHE A 225 0.91 7.71 -38.39
CA PHE A 225 -0.50 7.91 -38.14
C PHE A 225 -0.96 9.18 -38.85
N HIS A 226 -2.27 9.38 -38.86
CA HIS A 226 -2.86 10.47 -39.63
C HIS A 226 -3.83 11.35 -38.84
N ARG A 227 -4.36 10.88 -37.72
CA ARG A 227 -5.22 11.68 -36.86
C ARG A 227 -4.84 11.43 -35.42
N ALA A 228 -5.28 12.32 -34.54
CA ALA A 228 -4.94 12.25 -33.13
C ALA A 228 -6.14 12.65 -32.29
N VAL A 229 -6.35 11.92 -31.19
CA VAL A 229 -7.35 12.25 -30.19
C VAL A 229 -6.66 12.31 -28.84
N LEU A 230 -6.83 13.42 -28.12
CA LEU A 230 -6.18 13.64 -26.84
C LEU A 230 -7.26 13.88 -25.79
N GLN A 231 -7.45 12.89 -24.91
CA GLN A 231 -8.50 12.95 -23.90
C GLN A 231 -7.87 13.27 -22.55
N SER A 232 -8.13 14.48 -22.06
CA SER A 232 -7.71 14.91 -20.71
C SER A 232 -6.19 14.83 -20.55
N GLY A 233 -5.45 15.30 -21.55
CA GLY A 233 -4.00 15.27 -21.48
C GLY A 233 -3.40 15.99 -22.67
N ALA A 234 -2.15 16.43 -22.48
CA ALA A 234 -1.42 17.16 -23.50
C ALA A 234 0.07 16.99 -23.21
N PRO A 235 0.92 17.03 -24.24
CA PRO A 235 2.36 16.88 -24.00
C PRO A 235 2.98 18.10 -23.31
N ASN A 236 2.34 19.26 -23.37
CA ASN A 236 2.92 20.50 -22.85
C ASN A 236 2.56 20.77 -21.40
N GLY A 237 1.95 19.81 -20.71
CA GLY A 237 1.58 19.99 -19.33
C GLY A 237 2.79 20.06 -18.42
N PRO A 238 2.60 20.57 -17.19
CA PRO A 238 3.72 20.67 -16.24
C PRO A 238 4.13 19.34 -15.64
N TRP A 239 3.50 18.23 -16.04
CA TRP A 239 3.80 16.92 -15.49
C TRP A 239 4.29 15.91 -16.53
N ALA A 240 4.08 16.18 -17.82
CA ALA A 240 4.35 15.18 -18.85
C ALA A 240 5.80 15.10 -19.26
N THR A 241 6.61 16.12 -18.95
CA THR A 241 8.00 16.14 -19.34
C THR A 241 8.85 16.56 -18.14
N VAL A 242 10.16 16.34 -18.26
CA VAL A 242 11.10 16.69 -17.21
C VAL A 242 12.42 17.08 -17.86
N GLY A 243 13.19 17.92 -17.17
CA GLY A 243 14.45 18.39 -17.71
C GLY A 243 15.55 17.35 -17.60
N MET A 244 16.61 17.58 -18.38
CA MET A 244 17.74 16.66 -18.38
C MET A 244 18.40 16.60 -17.01
N GLY A 245 18.62 17.75 -16.38
CA GLY A 245 19.26 17.76 -15.08
C GLY A 245 18.40 17.11 -14.00
N GLU A 246 17.08 17.34 -14.04
CA GLU A 246 16.21 16.76 -13.04
C GLU A 246 16.03 15.26 -13.24
N ALA A 247 15.96 14.81 -14.51
CA ALA A 247 15.86 13.38 -14.77
C ALA A 247 17.12 12.65 -14.31
N ARG A 248 18.28 13.31 -14.39
CA ARG A 248 19.51 12.69 -13.90
C ARG A 248 19.52 12.59 -12.39
N ARG A 249 19.00 13.62 -11.71
CA ARG A 249 18.98 13.61 -10.24
C ARG A 249 18.09 12.50 -9.72
N ARG A 250 16.93 12.26 -10.35
CA ARG A 250 16.02 11.23 -9.89
C ARG A 250 16.59 9.84 -10.17
N ALA A 251 17.16 9.63 -11.36
CA ALA A 251 17.79 8.35 -11.66
C ALA A 251 18.95 8.07 -10.71
N THR A 252 19.71 9.09 -10.35
CA THR A 252 20.78 8.91 -9.38
C THR A 252 20.23 8.66 -7.98
N GLN A 253 19.14 9.35 -7.62
CA GLN A 253 18.52 9.14 -6.32
C GLN A 253 17.93 7.74 -6.20
N LEU A 254 17.24 7.29 -7.26
CA LEU A 254 16.71 5.92 -7.25
C LEU A 254 17.84 4.91 -7.14
N ALA A 255 18.95 5.14 -7.83
CA ALA A 255 20.11 4.26 -7.71
C ALA A 255 20.62 4.25 -6.27
N HIS A 256 20.66 5.41 -5.62
CA HIS A 256 21.14 5.48 -4.25
C HIS A 256 20.23 4.68 -3.31
N LEU A 257 18.91 4.76 -3.51
CA LEU A 257 17.98 4.09 -2.62
C LEU A 257 18.07 2.57 -2.71
N VAL A 258 18.58 2.03 -3.81
CA VAL A 258 18.71 0.58 -3.99
C VAL A 258 20.17 0.14 -3.87
N GLY A 259 21.02 0.98 -3.30
CA GLY A 259 22.41 0.61 -3.07
C GLY A 259 23.34 0.78 -4.25
N CYS A 260 22.98 1.63 -5.21
CA CYS A 260 23.83 1.86 -6.36
C CYS A 260 24.40 3.28 -6.34
N PRO A 261 25.73 3.41 -6.52
CA PRO A 261 26.66 2.30 -6.68
C PRO A 261 27.14 1.76 -5.34
N PRO A 262 27.66 0.53 -5.31
CA PRO A 262 28.20 -0.01 -4.05
C PRO A 262 29.31 0.85 -3.49
N GLY A 263 29.05 1.48 -2.34
CA GLY A 263 30.00 2.40 -1.73
C GLY A 263 31.36 1.82 -1.42
N GLY A 264 32.41 2.47 -1.91
CA GLY A 264 32.26 3.67 -2.71
C GLY A 264 32.78 3.50 -4.12
N THR A 265 32.53 2.33 -4.70
CA THR A 265 33.00 1.99 -6.04
C THR A 265 31.92 2.32 -7.06
N GLY A 266 32.21 3.23 -7.97
CA GLY A 266 31.28 3.62 -9.02
C GLY A 266 31.07 5.12 -9.04
N GLY A 267 30.38 5.56 -10.10
CA GLY A 267 30.09 6.96 -10.27
C GLY A 267 29.49 7.30 -11.62
N ASN A 268 30.19 6.94 -12.70
CA ASN A 268 29.73 7.30 -14.04
C ASN A 268 28.45 6.53 -14.39
N ASP A 269 27.85 6.92 -15.52
CA ASP A 269 26.55 6.37 -15.89
C ASP A 269 26.62 4.88 -16.23
N THR A 270 27.75 4.41 -16.76
CA THR A 270 27.87 3.00 -17.11
C THR A 270 27.79 2.12 -15.87
N GLU A 271 28.55 2.45 -14.83
CA GLU A 271 28.49 1.68 -13.59
C GLU A 271 27.15 1.81 -12.90
N LEU A 272 26.50 2.98 -13.02
CA LEU A 272 25.23 3.20 -12.35
C LEU A 272 24.13 2.35 -12.97
N VAL A 273 24.03 2.36 -14.30
CA VAL A 273 23.00 1.57 -14.97
C VAL A 273 23.29 0.08 -14.84
N ALA A 274 24.57 -0.31 -14.88
CA ALA A 274 24.92 -1.70 -14.71
C ALA A 274 24.52 -2.21 -13.33
N CYS A 275 24.65 -1.35 -12.31
CA CYS A 275 24.20 -1.73 -10.97
C CYS A 275 22.68 -1.81 -10.90
N LEU A 276 21.99 -0.91 -11.60
CA LEU A 276 20.53 -0.92 -11.62
C LEU A 276 19.98 -2.17 -12.30
N ARG A 277 20.69 -2.69 -13.30
CA ARG A 277 20.22 -3.87 -14.02
C ARG A 277 20.26 -5.13 -13.17
N THR A 278 21.12 -5.18 -12.16
CA THR A 278 21.21 -6.35 -11.30
C THR A 278 20.10 -6.39 -10.25
N ARG A 279 19.47 -5.26 -9.97
CA ARG A 279 18.43 -5.21 -8.95
C ARG A 279 17.16 -5.87 -9.47
N PRO A 280 16.42 -6.59 -8.62
CA PRO A 280 15.12 -7.10 -9.04
C PRO A 280 14.18 -5.96 -9.39
N ALA A 281 13.24 -6.25 -10.29
CA ALA A 281 12.34 -5.21 -10.79
C ALA A 281 11.48 -4.64 -9.67
N GLN A 282 11.03 -5.49 -8.74
CA GLN A 282 10.18 -5.02 -7.66
C GLN A 282 10.93 -4.06 -6.73
N VAL A 283 12.25 -4.23 -6.61
CA VAL A 283 13.03 -3.35 -5.74
C VAL A 283 13.05 -1.93 -6.27
N LEU A 284 13.18 -1.77 -7.59
CA LEU A 284 13.16 -0.44 -8.17
C LEU A 284 11.78 0.22 -8.00
N VAL A 285 10.71 -0.56 -8.17
CA VAL A 285 9.37 -0.01 -8.01
C VAL A 285 9.13 0.45 -6.59
N ASN A 286 9.68 -0.27 -5.61
CA ASN A 286 9.44 0.03 -4.20
C ASN A 286 10.04 1.35 -3.75
N HIS A 287 10.88 1.99 -4.58
CA HIS A 287 11.50 3.26 -4.24
C HIS A 287 11.23 4.33 -5.29
N GLU A 288 10.18 4.16 -6.10
CA GLU A 288 9.95 5.07 -7.22
C GLU A 288 9.43 6.42 -6.73
N TRP A 289 8.45 6.41 -5.83
CA TRP A 289 7.85 7.66 -5.37
C TRP A 289 8.75 8.46 -4.44
N HIS A 290 9.87 7.88 -3.99
CA HIS A 290 10.75 8.54 -3.05
C HIS A 290 11.84 9.38 -3.73
N VAL A 291 11.69 9.67 -5.03
CA VAL A 291 12.61 10.52 -5.75
C VAL A 291 11.99 11.84 -6.18
N LEU A 292 10.68 12.01 -5.96
CA LEU A 292 10.04 13.27 -6.29
C LEU A 292 10.57 14.39 -5.39
N PRO A 293 10.62 15.62 -5.89
CA PRO A 293 11.21 16.70 -5.10
C PRO A 293 10.36 17.15 -3.91
N GLN A 294 9.03 17.15 -4.04
CA GLN A 294 8.17 17.66 -2.99
C GLN A 294 7.05 16.69 -2.66
N GLU A 295 6.39 17.00 -1.55
CA GLU A 295 5.02 16.55 -1.32
C GLU A 295 4.11 17.22 -2.34
N SER A 296 3.50 16.43 -3.21
CA SER A 296 2.75 17.00 -4.33
C SER A 296 1.76 15.99 -4.86
N VAL A 297 0.79 16.50 -5.62
CA VAL A 297 -0.14 15.69 -6.39
C VAL A 297 0.04 16.00 -7.86
N PHE A 298 -0.34 15.04 -8.70
CA PHE A 298 -0.25 15.19 -10.16
C PHE A 298 1.19 15.38 -10.63
N ARG A 299 2.14 14.77 -9.93
CA ARG A 299 3.54 14.76 -10.31
C ARG A 299 4.05 13.33 -10.27
N PHE A 300 4.88 12.97 -11.25
CA PHE A 300 5.30 11.59 -11.43
C PHE A 300 6.81 11.53 -11.63
N SER A 301 7.40 10.44 -11.16
CA SER A 301 8.85 10.37 -11.01
C SER A 301 9.57 10.26 -12.35
N PHE A 302 9.17 9.30 -13.18
CA PHE A 302 9.86 9.01 -14.44
C PHE A 302 8.90 9.26 -15.60
N VAL A 303 9.11 10.37 -16.29
CA VAL A 303 8.26 10.81 -17.39
C VAL A 303 9.16 11.06 -18.60
N PRO A 304 8.61 11.31 -19.79
CA PRO A 304 9.47 11.66 -20.93
C PRO A 304 10.39 12.83 -20.61
N VAL A 305 11.61 12.75 -21.13
CA VAL A 305 12.65 13.75 -20.88
C VAL A 305 12.88 14.54 -22.15
N VAL A 306 13.12 15.85 -22.00
CA VAL A 306 13.46 16.72 -23.12
C VAL A 306 14.96 16.56 -23.35
N ASP A 307 15.34 15.68 -24.27
CA ASP A 307 16.72 15.30 -24.47
C ASP A 307 17.34 15.80 -25.76
N GLY A 308 16.53 16.18 -26.74
CA GLY A 308 17.02 16.56 -28.05
C GLY A 308 16.94 15.46 -29.08
N ASP A 309 16.56 14.25 -28.69
CA ASP A 309 16.46 13.13 -29.62
C ASP A 309 15.01 12.88 -30.00
N PHE A 310 14.25 12.23 -29.13
CA PHE A 310 12.83 12.01 -29.39
C PHE A 310 12.08 13.34 -29.47
N LEU A 311 12.47 14.30 -28.63
CA LEU A 311 11.91 15.64 -28.64
C LEU A 311 13.07 16.62 -28.89
N SER A 312 13.14 17.14 -30.12
CA SER A 312 14.22 18.06 -30.46
C SER A 312 14.20 19.32 -29.61
N ASP A 313 13.04 19.68 -29.05
CA ASP A 313 12.94 20.80 -28.13
C ASP A 313 11.80 20.49 -27.16
N THR A 314 11.52 21.44 -26.28
CA THR A 314 10.40 21.27 -25.35
C THR A 314 9.10 21.16 -26.13
N PRO A 315 8.10 20.44 -25.60
CA PRO A 315 6.80 20.39 -26.29
C PRO A 315 6.20 21.76 -26.55
N GLU A 316 6.37 22.70 -25.61
CA GLU A 316 5.85 24.04 -25.82
C GLU A 316 6.51 24.70 -27.03
N ALA A 317 7.83 24.55 -27.17
CA ALA A 317 8.53 25.13 -28.31
C ALA A 317 8.10 24.48 -29.62
N LEU A 318 7.99 23.15 -29.64
CA LEU A 318 7.62 22.45 -30.86
C LEU A 318 6.17 22.73 -31.26
N ILE A 319 5.29 22.96 -30.28
CA ILE A 319 3.90 23.26 -30.59
C ILE A 319 3.78 24.64 -31.22
N ASN A 320 4.54 25.62 -30.71
CA ASN A 320 4.44 26.98 -31.23
C ASN A 320 5.02 27.07 -32.63
N ALA A 321 6.12 26.39 -32.89
CA ALA A 321 6.81 26.45 -34.18
C ALA A 321 6.33 25.39 -35.17
N GLY A 322 5.26 24.68 -34.86
CA GLY A 322 4.81 23.58 -35.68
C GLY A 322 3.86 24.00 -36.80
N ASP A 323 3.92 23.26 -37.89
CA ASP A 323 3.01 23.41 -39.02
C ASP A 323 2.15 22.15 -39.10
N PHE A 324 0.87 22.29 -38.79
CA PHE A 324 -0.04 21.15 -38.65
C PHE A 324 -1.10 21.12 -39.75
N HIS A 325 -0.76 21.58 -40.95
CA HIS A 325 -1.70 21.50 -42.06
C HIS A 325 -1.88 20.05 -42.50
N GLY A 326 -3.12 19.69 -42.80
CA GLY A 326 -3.43 18.31 -43.12
C GLY A 326 -3.57 17.40 -41.92
N LEU A 327 -3.96 17.96 -40.77
CA LEU A 327 -4.06 17.21 -39.52
C LEU A 327 -5.41 17.47 -38.88
N GLN A 328 -6.06 16.42 -38.42
CA GLN A 328 -7.32 16.51 -37.70
C GLN A 328 -7.12 16.04 -36.27
N VAL A 329 -7.51 16.88 -35.32
CA VAL A 329 -7.31 16.59 -33.90
C VAL A 329 -8.66 16.68 -33.19
N LEU A 330 -8.87 15.77 -32.24
CA LEU A 330 -10.05 15.78 -31.36
C LEU A 330 -9.54 15.83 -29.93
N VAL A 331 -9.76 16.94 -29.25
CA VAL A 331 -9.31 17.11 -27.88
C VAL A 331 -10.52 17.38 -26.99
N GLY A 332 -10.31 17.20 -25.70
CA GLY A 332 -11.39 17.44 -24.74
C GLY A 332 -10.93 17.12 -23.34
N VAL A 333 -11.83 17.39 -22.38
CA VAL A 333 -11.58 17.18 -20.97
C VAL A 333 -12.88 16.70 -20.32
N VAL A 334 -12.77 16.28 -19.06
CA VAL A 334 -13.97 15.97 -18.27
C VAL A 334 -14.31 17.21 -17.44
N LYS A 335 -15.48 17.20 -16.81
CA LYS A 335 -15.96 18.41 -16.14
C LYS A 335 -15.14 18.72 -14.90
N ASP A 336 -14.68 17.69 -14.18
CA ASP A 336 -13.95 17.86 -12.92
C ASP A 336 -12.62 17.12 -13.01
N GLU A 337 -11.62 17.76 -13.63
CA GLU A 337 -10.35 17.10 -13.87
C GLU A 337 -9.54 16.90 -12.60
N GLY A 338 -9.66 17.82 -11.62
CA GLY A 338 -8.77 17.80 -10.47
C GLY A 338 -9.25 17.03 -9.26
N SER A 339 -10.53 16.64 -9.21
CA SER A 339 -11.08 16.07 -7.98
C SER A 339 -10.47 14.70 -7.65
N TYR A 340 -10.15 13.90 -8.66
CA TYR A 340 -9.58 12.58 -8.42
C TYR A 340 -8.25 12.67 -7.69
N PHE A 341 -7.45 13.68 -8.01
CA PHE A 341 -6.09 13.77 -7.51
C PHE A 341 -6.00 14.42 -6.14
N LEU A 342 -7.09 14.96 -5.61
CA LEU A 342 -7.02 15.67 -4.33
C LEU A 342 -6.94 14.71 -3.16
N VAL A 343 -7.49 13.50 -3.29
CA VAL A 343 -7.40 12.52 -2.21
C VAL A 343 -6.03 11.87 -2.14
N TYR A 344 -5.10 12.28 -2.99
CA TYR A 344 -3.74 11.73 -3.00
C TYR A 344 -2.72 12.70 -2.41
N GLY A 345 -3.12 13.53 -1.45
CA GLY A 345 -2.16 14.39 -0.81
C GLY A 345 -2.69 15.71 -0.27
N ALA A 346 -3.75 16.23 -0.88
CA ALA A 346 -4.30 17.51 -0.43
C ALA A 346 -4.89 17.35 0.97
N PRO A 347 -4.50 18.19 1.92
CA PRO A 347 -4.97 18.00 3.30
C PRO A 347 -6.46 18.26 3.43
N GLY A 348 -7.10 17.47 4.29
CA GLY A 348 -8.52 17.60 4.53
C GLY A 348 -9.42 16.83 3.59
N PHE A 349 -8.85 16.22 2.54
CA PHE A 349 -9.64 15.52 1.54
C PHE A 349 -9.73 14.03 1.86
N SER A 350 -10.89 13.46 1.58
CA SER A 350 -11.15 12.05 1.81
C SER A 350 -12.35 11.65 0.97
N LYS A 351 -12.24 10.51 0.28
CA LYS A 351 -13.35 10.03 -0.52
C LYS A 351 -14.53 9.57 0.34
N ASP A 352 -14.30 9.35 1.63
CA ASP A 352 -15.32 8.80 2.51
C ASP A 352 -16.07 9.85 3.32
N ASN A 353 -15.66 11.12 3.25
CA ASN A 353 -16.48 12.23 3.72
C ASN A 353 -16.67 13.20 2.56
N GLU A 354 -17.23 14.37 2.87
CA GLU A 354 -17.56 15.35 1.84
C GLU A 354 -16.46 16.38 1.60
N SER A 355 -15.31 16.22 2.27
CA SER A 355 -14.10 17.00 1.97
C SER A 355 -14.36 18.51 2.03
N LEU A 356 -15.14 18.93 3.03
CA LEU A 356 -15.41 20.34 3.27
C LEU A 356 -14.20 20.93 3.97
N ILE A 357 -13.22 21.37 3.17
CA ILE A 357 -11.95 21.82 3.72
C ILE A 357 -12.09 23.26 4.26
N SER A 358 -11.16 23.62 5.13
CA SER A 358 -11.12 24.95 5.70
C SER A 358 -10.26 25.88 4.84
N ARG A 359 -10.30 27.17 5.17
CA ARG A 359 -9.49 28.16 4.45
C ARG A 359 -8.01 27.82 4.57
N ALA A 360 -7.56 27.39 5.75
CA ALA A 360 -6.16 27.04 5.94
C ALA A 360 -5.78 25.82 5.10
N GLU A 361 -6.66 24.81 5.06
CA GLU A 361 -6.38 23.63 4.27
C GLU A 361 -6.34 23.95 2.78
N PHE A 362 -7.19 24.89 2.34
CA PHE A 362 -7.14 25.32 0.95
C PHE A 362 -5.81 25.97 0.62
N LEU A 363 -5.32 26.85 1.49
CA LEU A 363 -4.03 27.51 1.26
C LEU A 363 -2.89 26.51 1.25
N ALA A 364 -2.98 25.45 2.05
CA ALA A 364 -1.94 24.42 2.03
C ALA A 364 -2.04 23.56 0.79
N GLY A 365 -3.28 23.26 0.35
CA GLY A 365 -3.46 22.44 -0.84
C GLY A 365 -2.96 23.09 -2.11
N VAL A 366 -3.00 24.42 -2.17
CA VAL A 366 -2.51 25.13 -3.35
C VAL A 366 -1.01 24.87 -3.54
N ARG A 367 -0.27 24.77 -2.43
CA ARG A 367 1.16 24.47 -2.54
C ARG A 367 1.38 23.02 -2.96
N VAL A 368 0.49 22.12 -2.58
CA VAL A 368 0.59 20.73 -3.03
C VAL A 368 0.16 20.61 -4.48
N GLY A 369 -0.90 21.31 -4.87
CA GLY A 369 -1.35 21.25 -6.25
C GLY A 369 -0.45 22.02 -7.21
N VAL A 370 0.18 23.08 -6.73
CA VAL A 370 1.10 23.87 -7.55
C VAL A 370 2.46 23.89 -6.87
N PRO A 371 3.27 22.84 -7.00
CA PRO A 371 4.59 22.84 -6.36
C PRO A 371 5.61 23.63 -7.15
N GLN A 372 6.66 24.06 -6.44
CA GLN A 372 7.79 24.79 -7.01
C GLN A 372 7.35 26.13 -7.60
N VAL A 373 6.61 26.90 -6.81
CA VAL A 373 6.24 28.26 -7.17
C VAL A 373 6.53 29.17 -5.98
N SER A 374 6.92 30.40 -6.29
CA SER A 374 7.20 31.38 -5.25
C SER A 374 5.94 31.67 -4.44
N ASP A 375 6.15 32.17 -3.23
CA ASP A 375 5.01 32.53 -2.39
C ASP A 375 4.16 33.61 -3.04
N LEU A 376 4.76 34.43 -3.90
CA LEU A 376 3.98 35.39 -4.67
C LEU A 376 3.14 34.68 -5.73
N ALA A 377 3.70 33.66 -6.39
CA ALA A 377 2.95 32.91 -7.39
C ALA A 377 1.77 32.19 -6.77
N ALA A 378 1.98 31.59 -5.58
CA ALA A 378 0.88 30.93 -4.90
C ALA A 378 -0.21 31.92 -4.52
N GLU A 379 0.18 33.12 -4.10
CA GLU A 379 -0.81 34.15 -3.79
C GLU A 379 -1.61 34.57 -5.03
N ALA A 380 -0.96 34.60 -6.19
CA ALA A 380 -1.69 34.88 -7.43
C ALA A 380 -2.71 33.77 -7.72
N VAL A 381 -2.36 32.52 -7.40
CA VAL A 381 -3.30 31.42 -7.57
C VAL A 381 -4.46 31.57 -6.58
N VAL A 382 -4.16 31.93 -5.33
CA VAL A 382 -5.20 32.08 -4.33
C VAL A 382 -6.15 33.20 -4.70
N LEU A 383 -5.62 34.32 -5.23
CA LEU A 383 -6.47 35.42 -5.64
C LEU A 383 -7.45 35.00 -6.72
N HIS A 384 -6.96 34.29 -7.74
CA HIS A 384 -7.80 33.98 -8.89
C HIS A 384 -8.90 32.98 -8.55
N TYR A 385 -8.66 32.09 -7.60
CA TYR A 385 -9.59 31.00 -7.31
C TYR A 385 -10.35 31.21 -6.00
N THR A 386 -10.23 32.37 -5.37
CA THR A 386 -10.99 32.69 -4.17
C THR A 386 -12.20 33.52 -4.55
N ASP A 387 -13.39 33.05 -4.16
CA ASP A 387 -14.59 33.87 -4.19
C ASP A 387 -14.54 34.77 -2.97
N TRP A 388 -14.31 36.06 -3.20
CA TRP A 388 -14.11 36.98 -2.08
C TRP A 388 -15.41 37.43 -1.44
N LEU A 389 -16.56 37.04 -1.99
CA LEU A 389 -17.82 37.15 -1.27
C LEU A 389 -18.04 35.97 -0.32
N HIS A 390 -17.37 34.85 -0.56
CA HIS A 390 -17.44 33.68 0.32
C HIS A 390 -16.06 33.06 0.44
N PRO A 391 -15.09 33.77 1.03
CA PRO A 391 -13.72 33.24 1.07
C PRO A 391 -13.53 32.11 2.06
N GLU A 392 -14.53 31.80 2.89
CA GLU A 392 -14.41 30.76 3.90
C GLU A 392 -15.35 29.58 3.66
N ASP A 393 -16.20 29.64 2.65
CA ASP A 393 -17.17 28.58 2.41
C ASP A 393 -16.45 27.28 2.07
N PRO A 394 -16.59 26.23 2.89
CA PRO A 394 -15.84 24.99 2.62
C PRO A 394 -16.18 24.36 1.28
N ALA A 395 -17.46 24.35 0.89
CA ALA A 395 -17.84 23.75 -0.38
C ALA A 395 -17.17 24.45 -1.56
N ARG A 396 -17.23 25.78 -1.59
CA ARG A 396 -16.60 26.53 -2.67
C ARG A 396 -15.09 26.34 -2.67
N LEU A 397 -14.48 26.31 -1.49
CA LEU A 397 -13.04 26.06 -1.42
C LEU A 397 -12.68 24.68 -1.93
N ARG A 398 -13.55 23.70 -1.73
CA ARG A 398 -13.31 22.35 -2.22
C ARG A 398 -13.26 22.33 -3.74
N GLU A 399 -14.27 22.92 -4.39
CA GLU A 399 -14.27 22.97 -5.86
C GLU A 399 -13.23 23.94 -6.39
N ALA A 400 -12.78 24.90 -5.59
CA ALA A 400 -11.74 25.82 -6.03
C ALA A 400 -10.41 25.09 -6.20
N LEU A 401 -10.00 24.33 -5.18
CA LEU A 401 -8.76 23.57 -5.29
C LEU A 401 -8.84 22.52 -6.39
N SER A 402 -10.02 21.93 -6.59
CA SER A 402 -10.21 21.03 -7.72
C SER A 402 -9.97 21.74 -9.04
N ASP A 403 -10.46 22.98 -9.17
CA ASP A 403 -10.21 23.75 -10.38
C ASP A 403 -8.74 24.12 -10.51
N VAL A 404 -8.07 24.41 -9.39
CA VAL A 404 -6.65 24.74 -9.43
C VAL A 404 -5.84 23.61 -10.03
N VAL A 405 -6.05 22.39 -9.54
CA VAL A 405 -5.30 21.24 -10.03
C VAL A 405 -5.72 20.89 -11.45
N GLY A 406 -7.01 20.96 -11.75
CA GLY A 406 -7.49 20.57 -13.07
C GLY A 406 -7.08 21.54 -14.15
N ASP A 407 -7.16 22.84 -13.86
CA ASP A 407 -6.76 23.84 -14.86
C ASP A 407 -5.25 23.82 -15.08
N HIS A 408 -4.48 23.76 -13.99
CA HIS A 408 -3.02 23.82 -14.10
C HIS A 408 -2.46 22.60 -14.83
N ASN A 409 -3.07 21.43 -14.66
CA ASN A 409 -2.51 20.19 -15.17
C ASN A 409 -3.15 19.70 -16.45
N VAL A 410 -4.44 19.98 -16.68
CA VAL A 410 -5.14 19.38 -17.81
C VAL A 410 -5.78 20.44 -18.70
N VAL A 411 -6.74 21.17 -18.15
CA VAL A 411 -7.64 21.99 -18.97
C VAL A 411 -6.86 23.06 -19.73
N CYS A 412 -5.96 23.75 -19.05
CA CYS A 412 -5.24 24.85 -19.70
C CYS A 412 -4.10 24.35 -20.59
N PRO A 413 -3.37 23.29 -20.24
CA PRO A 413 -2.46 22.70 -21.23
C PRO A 413 -3.16 22.22 -22.48
N VAL A 414 -4.37 21.67 -22.34
CA VAL A 414 -5.12 21.21 -23.50
C VAL A 414 -5.62 22.40 -24.32
N ALA A 415 -6.13 23.43 -23.64
CA ALA A 415 -6.66 24.59 -24.36
C ALA A 415 -5.55 25.31 -25.13
N GLN A 416 -4.36 25.42 -24.53
CA GLN A 416 -3.24 26.05 -25.22
C GLN A 416 -2.85 25.26 -26.46
N LEU A 417 -2.86 23.92 -26.36
CA LEU A 417 -2.55 23.08 -27.50
C LEU A 417 -3.62 23.20 -28.58
N ALA A 418 -4.89 23.14 -28.17
CA ALA A 418 -5.99 23.20 -29.15
C ALA A 418 -5.99 24.52 -29.90
N GLY A 419 -5.64 25.61 -29.22
CA GLY A 419 -5.59 26.90 -29.90
C GLY A 419 -4.43 27.02 -30.86
N ARG A 420 -3.25 26.55 -30.46
CA ARG A 420 -2.09 26.62 -31.34
C ARG A 420 -2.23 25.69 -32.53
N LEU A 421 -2.84 24.53 -32.34
CA LEU A 421 -3.05 23.61 -33.46
C LEU A 421 -4.00 24.19 -34.50
N ALA A 422 -5.14 24.71 -34.05
CA ALA A 422 -6.13 25.26 -34.98
C ALA A 422 -5.58 26.46 -35.73
N ALA A 423 -4.86 27.34 -35.02
CA ALA A 423 -4.32 28.55 -35.63
C ALA A 423 -3.10 28.30 -36.50
N GLN A 424 -2.64 27.04 -36.60
CA GLN A 424 -1.44 26.74 -37.37
C GLN A 424 -1.68 25.60 -38.36
N GLY A 425 -2.93 25.43 -38.81
CA GLY A 425 -3.26 24.56 -39.92
C GLY A 425 -4.06 23.34 -39.56
N ALA A 426 -4.12 22.96 -38.29
CA ALA A 426 -4.81 21.73 -37.92
C ALA A 426 -6.31 21.95 -37.77
N ARG A 427 -7.08 20.93 -38.14
CA ARG A 427 -8.51 20.88 -37.87
C ARG A 427 -8.72 20.31 -36.47
N VAL A 428 -9.36 21.09 -35.60
CA VAL A 428 -9.48 20.76 -34.19
C VAL A 428 -10.96 20.71 -33.81
N TYR A 429 -11.33 19.67 -33.07
CA TYR A 429 -12.65 19.56 -32.46
C TYR A 429 -12.46 19.40 -30.95
N ALA A 430 -13.24 20.16 -30.18
CA ALA A 430 -13.11 20.18 -28.73
C ALA A 430 -14.41 19.79 -28.07
N TYR A 431 -14.32 19.16 -26.90
CA TYR A 431 -15.48 18.71 -26.15
C TYR A 431 -15.22 18.88 -24.66
N VAL A 432 -16.30 18.79 -23.89
CA VAL A 432 -16.24 18.68 -22.43
C VAL A 432 -17.22 17.60 -22.02
N PHE A 433 -16.73 16.59 -21.31
CA PHE A 433 -17.55 15.46 -20.87
C PHE A 433 -18.20 15.80 -19.54
N GLU A 434 -19.53 15.83 -19.51
CA GLU A 434 -20.27 16.30 -18.35
C GLU A 434 -21.29 15.29 -17.84
N HIS A 435 -21.11 14.00 -18.12
CA HIS A 435 -22.00 12.97 -17.60
C HIS A 435 -21.28 12.17 -16.53
N ARG A 436 -21.86 12.13 -15.35
CA ARG A 436 -21.37 11.28 -14.27
C ARG A 436 -22.06 9.93 -14.36
N ALA A 437 -21.28 8.87 -14.49
CA ALA A 437 -21.84 7.53 -14.66
C ALA A 437 -22.71 7.16 -13.46
N SER A 438 -23.83 6.49 -13.75
CA SER A 438 -24.76 6.10 -12.70
C SER A 438 -24.15 5.06 -11.76
N THR A 439 -23.13 4.32 -12.19
CA THR A 439 -22.49 3.31 -11.39
C THR A 439 -21.18 3.78 -10.78
N LEU A 440 -20.92 5.08 -10.79
CA LEU A 440 -19.64 5.60 -10.32
C LEU A 440 -19.50 5.39 -8.81
N SER A 441 -18.36 4.83 -8.40
CA SER A 441 -18.13 4.51 -7.00
C SER A 441 -17.47 5.65 -6.22
N TRP A 442 -16.86 6.61 -6.91
CA TRP A 442 -16.28 7.75 -6.25
C TRP A 442 -17.37 8.63 -5.64
N PRO A 443 -17.05 9.40 -4.61
CA PRO A 443 -18.07 10.22 -3.95
C PRO A 443 -18.69 11.24 -4.89
N LEU A 444 -19.87 11.73 -4.49
CA LEU A 444 -20.63 12.64 -5.34
C LEU A 444 -19.93 13.99 -5.49
N TRP A 445 -19.16 14.43 -4.49
CA TRP A 445 -18.53 15.74 -4.58
C TRP A 445 -17.44 15.79 -5.63
N MET A 446 -16.96 14.65 -6.11
CA MET A 446 -15.96 14.63 -7.17
C MET A 446 -16.55 14.94 -8.54
N GLY A 447 -17.88 14.92 -8.68
CA GLY A 447 -18.54 15.19 -9.95
C GLY A 447 -18.20 14.21 -11.04
N VAL A 448 -17.63 14.70 -12.14
CA VAL A 448 -17.19 13.85 -13.24
C VAL A 448 -15.67 13.77 -13.17
N PRO A 449 -15.11 12.79 -12.47
CA PRO A 449 -13.66 12.78 -12.22
C PRO A 449 -12.87 12.46 -13.47
N HIS A 450 -11.56 12.68 -13.36
CA HIS A 450 -10.64 12.38 -14.44
C HIS A 450 -10.63 10.90 -14.74
N GLY A 451 -10.78 10.56 -16.03
CA GLY A 451 -10.68 9.19 -16.48
C GLY A 451 -11.99 8.45 -16.66
N TYR A 452 -13.12 9.06 -16.32
CA TYR A 452 -14.39 8.35 -16.32
C TYR A 452 -15.28 8.71 -17.50
N GLU A 453 -14.68 9.16 -18.60
CA GLU A 453 -15.30 9.14 -19.91
C GLU A 453 -14.86 7.94 -20.73
N ILE A 454 -13.82 7.23 -20.29
CA ILE A 454 -13.26 6.13 -21.07
C ILE A 454 -14.26 5.00 -21.22
N GLU A 455 -14.98 4.68 -20.14
CA GLU A 455 -15.92 3.57 -20.18
C GLU A 455 -17.05 3.82 -21.17
N PHE A 456 -17.35 5.08 -21.46
CA PHE A 456 -18.38 5.37 -22.45
C PHE A 456 -17.82 5.38 -23.87
N ILE A 457 -16.54 5.75 -24.03
CA ILE A 457 -15.93 5.70 -25.35
C ILE A 457 -15.80 4.26 -25.83
N PHE A 458 -15.50 3.34 -24.93
CA PHE A 458 -15.33 1.93 -25.27
C PHE A 458 -16.62 1.13 -25.19
N GLY A 459 -17.76 1.80 -25.00
CA GLY A 459 -19.05 1.12 -25.03
C GLY A 459 -19.27 0.13 -23.91
N ILE A 460 -18.63 0.33 -22.76
CA ILE A 460 -18.77 -0.56 -21.60
C ILE A 460 -20.22 -0.64 -21.12
N PRO A 461 -21.03 0.45 -21.17
CA PRO A 461 -22.46 0.31 -20.81
C PRO A 461 -23.19 -0.78 -21.56
N LEU A 462 -22.71 -1.15 -22.76
CA LEU A 462 -23.35 -2.21 -23.52
C LEU A 462 -23.13 -3.60 -22.92
N ASP A 463 -22.23 -3.72 -21.96
CA ASP A 463 -21.97 -5.01 -21.29
C ASP A 463 -23.23 -5.45 -20.55
N PRO A 464 -23.84 -6.58 -20.92
CA PRO A 464 -25.08 -7.00 -20.23
C PRO A 464 -24.88 -7.37 -18.78
N SER A 465 -23.65 -7.66 -18.35
CA SER A 465 -23.37 -8.00 -16.95
C SER A 465 -23.18 -6.78 -16.07
N ARG A 466 -23.47 -5.58 -16.57
CA ARG A 466 -23.31 -4.35 -15.82
C ARG A 466 -24.64 -3.61 -15.73
N ASN A 467 -24.72 -2.71 -14.75
CA ASN A 467 -26.00 -2.09 -14.40
C ASN A 467 -26.06 -0.64 -14.86
N TYR A 468 -25.80 -0.39 -16.13
CA TYR A 468 -25.98 0.95 -16.68
C TYR A 468 -27.43 1.17 -17.07
N THR A 469 -27.81 2.45 -17.15
CA THR A 469 -29.16 2.79 -17.55
C THR A 469 -29.32 2.66 -19.06
N ALA A 470 -30.58 2.64 -19.51
CA ALA A 470 -30.85 2.58 -20.94
C ALA A 470 -30.38 3.85 -21.64
N GLU A 471 -30.44 5.00 -20.95
CA GLU A 471 -29.98 6.24 -21.54
C GLU A 471 -28.47 6.24 -21.70
N GLU A 472 -27.74 5.63 -20.76
CA GLU A 472 -26.29 5.57 -20.87
C GLU A 472 -25.84 4.65 -22.00
N LYS A 473 -26.64 3.64 -22.33
CA LYS A 473 -26.33 2.78 -23.47
C LYS A 473 -26.46 3.55 -24.77
N ILE A 474 -27.55 4.30 -24.94
CA ILE A 474 -27.73 5.14 -26.12
C ILE A 474 -26.65 6.22 -26.15
N PHE A 475 -26.32 6.77 -24.98
CA PHE A 475 -25.28 7.79 -24.90
C PHE A 475 -23.91 7.22 -25.29
N ALA A 476 -23.63 5.99 -24.88
CA ALA A 476 -22.37 5.37 -25.24
C ALA A 476 -22.27 5.13 -26.74
N GLN A 477 -23.37 4.71 -27.37
CA GLN A 477 -23.36 4.50 -28.81
C GLN A 477 -23.15 5.80 -29.57
N ARG A 478 -23.73 6.90 -29.08
CA ARG A 478 -23.53 8.19 -29.74
C ARG A 478 -22.08 8.64 -29.63
N LEU A 479 -21.42 8.33 -28.52
CA LEU A 479 -20.01 8.69 -28.37
C LEU A 479 -19.13 7.82 -29.26
N MET A 480 -19.43 6.52 -29.34
CA MET A 480 -18.68 5.66 -30.25
C MET A 480 -18.87 6.09 -31.70
N ARG A 481 -20.04 6.62 -32.05
CA ARG A 481 -20.24 7.17 -33.38
C ARG A 481 -19.34 8.37 -33.63
N TYR A 482 -19.23 9.26 -32.65
CA TYR A 482 -18.36 10.43 -32.79
C TYR A 482 -16.91 10.01 -33.03
N TRP A 483 -16.40 9.11 -32.19
CA TRP A 483 -15.00 8.71 -32.30
C TRP A 483 -14.73 7.96 -33.59
N ALA A 484 -15.68 7.13 -34.04
CA ALA A 484 -15.48 6.38 -35.27
C ALA A 484 -15.58 7.28 -36.49
N ASN A 485 -16.57 8.18 -36.52
CA ASN A 485 -16.69 9.12 -37.62
C ASN A 485 -15.43 9.96 -37.77
N PHE A 486 -14.84 10.37 -36.64
CA PHE A 486 -13.57 11.10 -36.69
C PHE A 486 -12.45 10.21 -37.19
N ALA A 487 -12.48 8.92 -36.82
CA ALA A 487 -11.44 8.00 -37.30
C ALA A 487 -11.58 7.73 -38.79
N ARG A 488 -12.80 7.73 -39.31
CA ARG A 488 -13.01 7.45 -40.73
C ARG A 488 -12.82 8.70 -41.58
N THR A 489 -13.50 9.79 -41.22
CA THR A 489 -13.56 10.97 -42.07
C THR A 489 -12.77 12.15 -41.53
N GLY A 490 -12.35 12.13 -40.27
CA GLY A 490 -11.73 13.29 -39.67
C GLY A 490 -12.69 14.31 -39.12
N ASP A 491 -13.98 14.00 -39.09
CA ASP A 491 -15.02 14.89 -38.61
C ASP A 491 -16.04 14.09 -37.80
N PRO A 492 -16.21 14.38 -36.52
CA PRO A 492 -17.12 13.58 -35.69
C PRO A 492 -18.58 13.68 -36.10
N ASN A 493 -18.96 14.69 -36.88
CA ASN A 493 -20.34 14.78 -37.35
C ASN A 493 -20.64 13.67 -38.35
N GLU A 494 -21.85 13.15 -38.30
CA GLU A 494 -22.25 12.12 -39.25
C GLU A 494 -22.25 12.70 -40.66
N PRO A 495 -21.69 12.01 -41.65
CA PRO A 495 -21.33 12.66 -42.91
C PRO A 495 -22.51 13.21 -43.70
N ARG A 496 -23.70 12.63 -43.57
CA ARG A 496 -24.86 13.04 -44.35
C ARG A 496 -26.04 13.34 -43.45
N ASP A 497 -25.80 14.00 -42.32
CA ASP A 497 -26.80 14.07 -41.25
C ASP A 497 -26.81 15.42 -40.57
N PRO A 498 -27.73 16.32 -40.95
CA PRO A 498 -28.04 17.48 -40.12
C PRO A 498 -29.19 17.27 -39.13
N LYS A 499 -29.67 16.03 -38.96
CA LYS A 499 -30.73 15.77 -37.99
C LYS A 499 -30.27 16.14 -36.58
N ALA A 500 -29.17 15.58 -36.14
CA ALA A 500 -28.58 15.98 -34.87
C ALA A 500 -27.79 17.27 -35.05
N PRO A 501 -27.70 18.09 -34.00
CA PRO A 501 -26.94 19.35 -34.13
C PRO A 501 -25.48 19.09 -34.46
N GLN A 502 -24.89 20.01 -35.19
CA GLN A 502 -23.53 19.84 -35.68
C GLN A 502 -22.51 20.18 -34.59
N TRP A 503 -21.32 19.60 -34.74
CA TRP A 503 -20.18 19.84 -33.86
C TRP A 503 -19.22 20.79 -34.57
N PRO A 504 -19.23 22.09 -34.25
CA PRO A 504 -18.37 23.02 -34.98
C PRO A 504 -16.91 22.83 -34.59
N PRO A 505 -15.98 23.05 -35.51
CA PRO A 505 -14.56 22.93 -35.18
C PRO A 505 -14.15 23.97 -34.14
N TYR A 506 -13.02 23.71 -33.50
CA TYR A 506 -12.44 24.60 -32.51
C TYR A 506 -11.43 25.51 -33.19
N THR A 507 -11.57 26.81 -32.99
CA THR A 507 -10.66 27.80 -33.55
C THR A 507 -10.07 28.67 -32.45
N ALA A 508 -8.92 29.26 -32.75
CA ALA A 508 -8.26 30.12 -31.76
C ALA A 508 -9.07 31.37 -31.44
N GLY A 509 -9.99 31.76 -32.32
CA GLY A 509 -10.81 32.93 -32.08
C GLY A 509 -12.14 32.62 -31.41
N ALA A 510 -12.97 31.79 -32.07
CA ALA A 510 -14.28 31.49 -31.52
C ALA A 510 -14.18 30.56 -30.32
N GLN A 511 -13.23 29.62 -30.35
CA GLN A 511 -12.98 28.68 -29.25
C GLN A 511 -14.23 27.88 -28.90
N GLN A 512 -14.87 27.34 -29.92
CA GLN A 512 -16.12 26.60 -29.76
C GLN A 512 -15.85 25.16 -29.37
N TYR A 513 -16.70 24.63 -28.48
CA TYR A 513 -16.66 23.24 -28.10
C TYR A 513 -18.08 22.79 -27.79
N VAL A 514 -18.27 21.48 -27.68
CA VAL A 514 -19.58 20.92 -27.37
C VAL A 514 -19.51 20.20 -26.03
N SER A 515 -20.66 20.14 -25.36
CA SER A 515 -20.78 19.40 -24.11
C SER A 515 -21.30 18.00 -24.41
N LEU A 516 -20.69 17.00 -23.80
CA LEU A 516 -21.05 15.59 -24.03
C LEU A 516 -21.77 15.09 -22.78
N ASP A 517 -23.09 14.96 -22.86
CA ASP A 517 -23.89 14.36 -21.81
C ASP A 517 -25.11 13.71 -22.44
N LEU A 518 -26.09 13.35 -21.60
CA LEU A 518 -27.29 12.70 -22.12
C LEU A 518 -28.09 13.63 -23.01
N ARG A 519 -28.01 14.93 -22.78
CA ARG A 519 -28.70 15.90 -23.62
C ARG A 519 -28.04 15.96 -24.99
N PRO A 520 -28.76 16.45 -26.00
CA PRO A 520 -28.14 16.68 -27.32
C PRO A 520 -26.98 17.66 -27.22
N LEU A 521 -26.21 17.72 -28.30
CA LEU A 521 -25.03 18.56 -28.34
C LEU A 521 -25.39 20.02 -28.08
N GLU A 522 -24.58 20.68 -27.26
CA GLU A 522 -24.73 22.10 -26.95
C GLU A 522 -23.39 22.78 -27.18
N VAL A 523 -23.38 23.80 -28.02
CA VAL A 523 -22.16 24.51 -28.36
C VAL A 523 -21.89 25.59 -27.33
N ARG A 524 -20.67 25.63 -26.81
CA ARG A 524 -20.22 26.65 -25.88
C ARG A 524 -18.93 27.26 -26.43
N ARG A 525 -18.42 28.27 -25.74
CA ARG A 525 -17.25 29.01 -26.18
C ARG A 525 -16.27 29.17 -25.02
N GLY A 526 -15.00 28.90 -25.28
CA GLY A 526 -13.96 29.09 -24.29
C GLY A 526 -13.84 27.95 -23.29
N LEU A 527 -12.69 27.29 -23.29
CA LEU A 527 -12.41 26.22 -22.33
C LEU A 527 -11.74 26.86 -21.10
N ARG A 528 -12.57 27.47 -20.26
CA ARG A 528 -12.12 28.22 -19.10
C ARG A 528 -11.10 29.28 -19.51
N ALA A 529 -11.55 30.18 -20.39
CA ALA A 529 -10.65 31.13 -21.02
C ALA A 529 -10.03 32.09 -20.01
N GLN A 530 -10.82 32.54 -19.03
CA GLN A 530 -10.29 33.49 -18.05
C GLN A 530 -9.29 32.82 -17.11
N ALA A 531 -9.61 31.60 -16.64
CA ALA A 531 -8.68 30.90 -15.77
C ALA A 531 -7.41 30.49 -16.50
N CYS A 532 -7.54 30.05 -17.75
CA CYS A 532 -6.37 29.61 -18.51
C CYS A 532 -5.51 30.77 -18.99
N ALA A 533 -6.06 31.98 -19.06
CA ALA A 533 -5.21 33.14 -19.31
C ALA A 533 -4.26 33.40 -18.15
N PHE A 534 -4.69 33.07 -16.93
CA PHE A 534 -3.81 33.22 -15.78
C PHE A 534 -2.65 32.24 -15.84
N TRP A 535 -2.92 30.99 -16.23
CA TRP A 535 -1.87 29.98 -16.25
C TRP A 535 -0.97 30.12 -17.47
N ASN A 536 -1.55 30.40 -18.64
CA ASN A 536 -0.79 30.38 -19.88
C ASN A 536 -0.15 31.72 -20.23
N ARG A 537 -0.69 32.83 -19.72
CA ARG A 537 -0.19 34.15 -20.09
C ARG A 537 0.49 34.86 -18.93
N PHE A 538 -0.20 35.02 -17.79
CA PHE A 538 0.32 35.89 -16.74
C PHE A 538 1.34 35.17 -15.86
N LEU A 539 0.99 33.99 -15.36
CA LEU A 539 1.86 33.32 -14.39
C LEU A 539 3.27 33.06 -14.91
N PRO A 540 3.51 32.72 -16.18
CA PRO A 540 4.90 32.63 -16.66
C PRO A 540 5.66 33.94 -16.50
N LYS A 541 5.02 35.07 -16.77
CA LYS A 541 5.68 36.36 -16.57
C LYS A 541 6.00 36.59 -15.10
N LEU A 542 5.15 36.10 -14.19
CA LEU A 542 5.39 36.28 -12.77
C LEU A 542 6.54 35.40 -12.29
N LEU A 543 6.74 34.24 -12.91
CA LEU A 543 7.85 33.38 -12.54
C LEU A 543 9.17 33.87 -13.13
N SER A 544 9.11 34.59 -14.24
CA SER A 544 10.33 35.16 -14.82
C SER A 544 10.95 36.18 -13.87
N ALA A 545 10.17 37.16 -13.45
CA ALA A 545 10.58 38.11 -12.41
C ALA A 545 10.23 37.47 -11.07
N THR A 546 11.16 36.68 -10.55
CA THR A 546 10.95 35.88 -9.34
C THR A 546 10.45 36.70 -8.15
N GLU B 7 -10.02 -45.05 11.79
CA GLU B 7 -10.44 -43.71 12.21
C GLU B 7 -9.76 -43.31 13.52
N ASP B 8 -9.02 -42.20 13.47
CA ASP B 8 -8.30 -41.71 14.65
C ASP B 8 -9.30 -41.04 15.58
N ALA B 9 -9.51 -41.63 16.76
CA ALA B 9 -10.42 -41.06 17.73
C ALA B 9 -9.82 -39.86 18.45
N GLU B 10 -8.50 -39.67 18.36
CA GLU B 10 -7.86 -38.53 19.01
C GLU B 10 -8.27 -37.21 18.37
N LEU B 11 -8.64 -37.23 17.10
CA LEU B 11 -9.05 -36.01 16.39
C LEU B 11 -10.49 -35.62 16.67
N LEU B 12 -11.15 -36.27 17.62
CA LEU B 12 -12.51 -35.94 18.02
C LEU B 12 -12.51 -35.57 19.49
N VAL B 13 -12.98 -34.37 19.80
CA VAL B 13 -12.99 -33.84 21.16
C VAL B 13 -14.31 -33.11 21.39
N THR B 14 -14.88 -33.27 22.57
CA THR B 14 -16.07 -32.56 23.00
C THR B 14 -15.68 -31.49 24.00
N VAL B 15 -16.16 -30.26 23.80
CA VAL B 15 -15.93 -29.18 24.74
C VAL B 15 -17.28 -28.69 25.28
N ARG B 16 -17.26 -27.61 26.06
CA ARG B 16 -18.48 -27.16 26.73
C ARG B 16 -19.54 -26.67 25.76
N GLY B 17 -19.18 -26.33 24.53
CA GLY B 17 -20.14 -25.80 23.58
C GLY B 17 -20.60 -26.79 22.54
N GLY B 18 -19.84 -27.87 22.38
CA GLY B 18 -20.19 -28.88 21.40
C GLY B 18 -18.98 -29.74 21.07
N ARG B 19 -19.08 -30.41 19.92
CA ARG B 19 -18.04 -31.32 19.46
C ARG B 19 -17.18 -30.66 18.38
N LEU B 20 -15.95 -31.15 18.28
CA LEU B 20 -14.98 -30.62 17.33
C LEU B 20 -14.24 -31.77 16.65
N ARG B 21 -13.81 -31.54 15.42
CA ARG B 21 -12.95 -32.47 14.70
C ARG B 21 -11.67 -31.74 14.32
N GLY B 22 -10.54 -32.24 14.82
CA GLY B 22 -9.25 -31.65 14.56
C GLY B 22 -8.56 -32.25 13.35
N ILE B 23 -7.24 -32.06 13.29
CA ILE B 23 -6.43 -32.53 12.18
C ILE B 23 -5.07 -32.93 12.73
N ARG B 24 -4.46 -33.93 12.08
CA ARG B 24 -3.14 -34.39 12.45
C ARG B 24 -2.08 -33.64 11.65
N LEU B 25 -1.11 -33.06 12.35
CA LEU B 25 -0.02 -32.33 11.72
C LEU B 25 1.27 -33.12 11.84
N LYS B 26 2.05 -33.13 10.75
CA LYS B 26 3.28 -33.90 10.70
C LYS B 26 4.48 -33.05 11.12
N THR B 27 5.38 -33.65 11.88
CA THR B 27 6.68 -33.11 12.22
C THR B 27 7.72 -34.20 12.01
N PRO B 28 8.99 -33.82 11.82
CA PRO B 28 10.03 -34.85 11.69
C PRO B 28 10.17 -35.76 12.90
N GLY B 29 9.61 -35.38 14.05
CA GLY B 29 9.72 -36.17 15.25
C GLY B 29 8.48 -36.93 15.62
N GLY B 30 7.37 -36.66 14.93
CA GLY B 30 6.12 -37.33 15.21
C GLY B 30 4.91 -36.45 14.94
N PRO B 31 3.72 -37.05 15.00
CA PRO B 31 2.50 -36.29 14.71
C PRO B 31 2.02 -35.48 15.91
N VAL B 32 1.17 -34.51 15.60
CA VAL B 32 0.55 -33.64 16.60
C VAL B 32 -0.91 -33.44 16.22
N SER B 33 -1.79 -33.47 17.23
CA SER B 33 -3.21 -33.21 17.02
C SER B 33 -3.48 -31.72 17.18
N ALA B 34 -4.02 -31.10 16.14
CA ALA B 34 -4.32 -29.67 16.14
C ALA B 34 -5.82 -29.45 15.98
N PHE B 35 -6.34 -28.48 16.71
CA PHE B 35 -7.75 -28.09 16.66
C PHE B 35 -7.79 -26.61 16.34
N LEU B 36 -7.84 -26.28 15.06
CA LEU B 36 -7.70 -24.91 14.58
C LEU B 36 -9.07 -24.32 14.25
N GLY B 37 -9.33 -23.14 14.78
CA GLY B 37 -10.57 -22.44 14.46
C GLY B 37 -11.72 -22.70 15.39
N ILE B 38 -11.45 -22.89 16.68
CA ILE B 38 -12.51 -23.12 17.67
C ILE B 38 -13.17 -21.79 17.99
N PRO B 39 -14.48 -21.64 17.76
CA PRO B 39 -15.16 -20.39 18.14
C PRO B 39 -15.28 -20.28 19.65
N PHE B 40 -14.77 -19.18 20.21
CA PHE B 40 -14.88 -18.93 21.64
C PHE B 40 -15.74 -17.71 21.95
N ALA B 41 -16.28 -17.05 20.95
CA ALA B 41 -17.13 -15.89 21.17
C ALA B 41 -18.13 -15.77 20.03
N GLU B 42 -19.26 -15.12 20.33
CA GLU B 42 -20.19 -14.76 19.28
C GLU B 42 -19.52 -13.79 18.32
N PRO B 43 -19.77 -13.91 17.02
CA PRO B 43 -19.18 -12.99 16.05
C PRO B 43 -19.57 -11.56 16.35
N PRO B 44 -18.51 -10.64 16.73
CA PRO B 44 -18.80 -9.23 17.10
C PRO B 44 -19.11 -8.37 15.88
N MET B 45 -20.27 -8.63 15.28
CA MET B 45 -20.68 -7.96 14.06
C MET B 45 -21.95 -7.16 14.30
N GLY B 46 -22.24 -6.25 13.37
CA GLY B 46 -23.43 -5.43 13.44
C GLY B 46 -23.45 -4.56 14.68
N PRO B 47 -24.50 -4.69 15.49
CA PRO B 47 -24.59 -3.92 16.73
C PRO B 47 -23.55 -4.32 17.77
N ARG B 48 -22.82 -5.40 17.57
CA ARG B 48 -21.81 -5.85 18.50
C ARG B 48 -20.43 -5.30 18.19
N ARG B 49 -20.28 -4.53 17.11
CA ARG B 49 -19.00 -3.89 16.83
C ARG B 49 -18.67 -2.89 17.94
N PHE B 50 -17.41 -2.91 18.38
CA PHE B 50 -16.85 -2.11 19.48
C PHE B 50 -17.32 -2.57 20.85
N LEU B 51 -18.11 -3.64 20.94
CA LEU B 51 -18.66 -4.10 22.21
C LEU B 51 -17.81 -5.24 22.76
N PRO B 52 -17.85 -5.44 24.08
CA PRO B 52 -17.12 -6.56 24.67
C PRO B 52 -17.61 -7.89 24.10
N PRO B 53 -16.75 -8.89 24.06
CA PRO B 53 -17.17 -10.17 23.47
C PRO B 53 -18.19 -10.88 24.34
N GLU B 54 -19.03 -11.68 23.70
CA GLU B 54 -19.96 -12.55 24.40
C GLU B 54 -19.62 -14.00 24.09
N PRO B 55 -19.75 -14.90 25.06
CA PRO B 55 -19.34 -16.29 24.85
C PRO B 55 -20.11 -16.94 23.71
N LYS B 56 -19.42 -17.84 23.01
CA LYS B 56 -20.02 -18.57 21.90
C LYS B 56 -21.13 -19.47 22.43
N GLN B 57 -22.35 -19.27 21.93
CA GLN B 57 -23.46 -20.13 22.33
C GLN B 57 -23.21 -21.56 21.87
N PRO B 58 -23.67 -22.55 22.63
CA PRO B 58 -23.41 -23.94 22.27
C PRO B 58 -24.00 -24.29 20.91
N TRP B 59 -23.35 -25.21 20.21
CA TRP B 59 -23.72 -25.59 18.87
C TRP B 59 -24.05 -27.08 18.81
N SER B 60 -24.87 -27.45 17.82
CA SER B 60 -25.17 -28.83 17.53
C SER B 60 -24.31 -29.31 16.37
N GLY B 61 -23.97 -30.60 16.40
CA GLY B 61 -23.15 -31.18 15.35
C GLY B 61 -21.67 -31.17 15.71
N VAL B 62 -20.86 -31.30 14.67
CA VAL B 62 -19.40 -31.35 14.80
C VAL B 62 -18.84 -30.16 14.04
N VAL B 63 -18.37 -29.15 14.79
CA VAL B 63 -17.68 -28.02 14.17
C VAL B 63 -16.35 -28.49 13.61
N ASP B 64 -16.10 -28.16 12.34
CA ASP B 64 -14.84 -28.52 11.72
C ASP B 64 -13.73 -27.64 12.26
N ALA B 65 -12.71 -28.26 12.85
CA ALA B 65 -11.58 -27.53 13.39
C ALA B 65 -10.28 -27.99 12.74
N THR B 66 -10.27 -28.02 11.41
CA THR B 66 -9.13 -28.53 10.65
C THR B 66 -8.32 -27.45 9.96
N THR B 67 -8.74 -26.18 10.04
CA THR B 67 -8.03 -25.10 9.38
C THR B 67 -8.26 -23.81 10.15
N PHE B 68 -7.35 -22.86 9.96
CA PHE B 68 -7.46 -21.56 10.63
C PHE B 68 -8.67 -20.79 10.13
N GLN B 69 -9.27 -20.02 11.03
CA GLN B 69 -10.42 -19.20 10.69
C GLN B 69 -9.96 -17.84 10.17
N SER B 70 -10.90 -16.92 10.02
CA SER B 70 -10.62 -15.65 9.38
C SER B 70 -9.77 -14.75 10.26
N VAL B 71 -8.97 -13.90 9.62
CA VAL B 71 -8.15 -12.91 10.31
C VAL B 71 -9.00 -11.69 10.57
N CYS B 72 -8.85 -11.10 11.77
CA CYS B 72 -9.59 -9.91 12.12
C CYS B 72 -9.21 -8.76 11.19
N TYR B 73 -10.20 -7.91 10.88
CA TYR B 73 -9.97 -6.80 9.96
C TYR B 73 -8.83 -5.92 10.45
N GLN B 74 -7.87 -5.67 9.56
CA GLN B 74 -6.66 -4.96 9.95
C GLN B 74 -5.99 -4.38 8.71
N TYR B 75 -5.14 -3.39 8.95
CA TYR B 75 -4.33 -2.81 7.89
C TYR B 75 -3.34 -3.85 7.37
N VAL B 76 -3.06 -3.77 6.07
CA VAL B 76 -2.13 -4.68 5.41
C VAL B 76 -0.90 -3.88 4.99
N ASP B 77 0.28 -4.39 5.36
CA ASP B 77 1.52 -3.67 5.10
C ASP B 77 1.82 -3.66 3.61
N THR B 78 2.12 -2.46 3.08
CA THR B 78 2.43 -2.30 1.67
C THR B 78 3.74 -1.55 1.44
N LEU B 79 4.62 -1.50 2.44
CA LEU B 79 5.87 -0.78 2.30
C LEU B 79 6.78 -1.44 1.28
N TYR B 80 6.89 -2.76 1.30
CA TYR B 80 7.71 -3.52 0.37
C TYR B 80 6.88 -4.68 -0.19
N PRO B 81 6.13 -4.45 -1.26
CA PRO B 81 5.30 -5.52 -1.83
C PRO B 81 6.14 -6.70 -2.28
N GLY B 82 5.69 -7.91 -1.92
CA GLY B 82 6.35 -9.14 -2.28
C GLY B 82 7.58 -9.47 -1.47
N PHE B 83 7.89 -8.70 -0.43
CA PHE B 83 9.09 -8.92 0.38
C PHE B 83 8.77 -9.86 1.54
N GLU B 84 9.60 -10.90 1.70
CA GLU B 84 9.34 -11.89 2.74
C GLU B 84 9.33 -11.28 4.13
N GLY B 85 10.22 -10.30 4.37
CA GLY B 85 10.34 -9.74 5.71
C GLY B 85 9.10 -9.02 6.18
N THR B 86 8.29 -8.51 5.26
CA THR B 86 7.04 -7.85 5.61
C THR B 86 5.81 -8.71 5.38
N GLU B 87 5.79 -9.52 4.31
CA GLU B 87 4.62 -10.33 4.00
C GLU B 87 4.37 -11.40 5.07
N MET B 88 5.42 -11.83 5.78
CA MET B 88 5.27 -12.90 6.77
C MET B 88 4.37 -12.49 7.93
N TRP B 89 4.12 -11.20 8.11
CA TRP B 89 3.23 -10.72 9.16
C TRP B 89 1.84 -10.36 8.63
N ASN B 90 1.67 -10.28 7.31
CA ASN B 90 0.38 -9.92 6.73
C ASN B 90 -0.62 -11.06 6.90
N PRO B 91 -1.91 -10.76 6.86
CA PRO B 91 -2.93 -11.81 7.02
C PRO B 91 -2.82 -12.87 5.93
N ASN B 92 -2.85 -14.13 6.35
CA ASN B 92 -2.82 -15.26 5.43
C ASN B 92 -4.16 -15.97 5.33
N ARG B 93 -5.22 -15.36 5.88
CA ARG B 93 -6.59 -15.80 5.68
C ARG B 93 -7.44 -14.59 5.32
N GLU B 94 -8.68 -14.84 4.92
CA GLU B 94 -9.58 -13.75 4.55
C GLU B 94 -9.87 -12.87 5.76
N LEU B 95 -10.02 -11.58 5.52
CA LEU B 95 -10.38 -10.64 6.56
C LEU B 95 -11.88 -10.72 6.84
N SER B 96 -12.24 -10.61 8.11
CA SER B 96 -13.64 -10.65 8.54
C SER B 96 -13.72 -10.17 9.98
N GLU B 97 -14.85 -9.53 10.31
CA GLU B 97 -15.13 -9.23 11.70
C GLU B 97 -15.50 -10.47 12.49
N ASP B 98 -15.98 -11.52 11.82
CA ASP B 98 -16.20 -12.82 12.44
C ASP B 98 -14.86 -13.54 12.49
N CYS B 99 -14.07 -13.21 13.51
CA CYS B 99 -12.71 -13.69 13.62
C CYS B 99 -12.35 -14.24 15.00
N LEU B 100 -13.26 -14.16 15.97
CA LEU B 100 -12.94 -14.56 17.34
C LEU B 100 -12.92 -16.08 17.43
N TYR B 101 -11.79 -16.65 17.03
CA TYR B 101 -11.56 -18.09 17.09
C TYR B 101 -10.19 -18.33 17.71
N LEU B 102 -10.02 -19.51 18.30
CA LEU B 102 -8.77 -19.89 18.92
C LEU B 102 -8.35 -21.27 18.43
N ASN B 103 -7.08 -21.61 18.71
CA ASN B 103 -6.49 -22.86 18.25
C ASN B 103 -5.84 -23.58 19.43
N VAL B 104 -5.85 -24.91 19.37
CA VAL B 104 -5.27 -25.75 20.42
C VAL B 104 -4.41 -26.82 19.76
N TRP B 105 -3.15 -26.90 20.18
CA TRP B 105 -2.25 -27.97 19.78
C TRP B 105 -2.02 -28.90 20.98
N THR B 106 -2.02 -30.21 20.72
CA THR B 106 -1.83 -31.20 21.76
C THR B 106 -1.03 -32.36 21.19
N PRO B 107 -0.17 -32.97 21.99
CA PRO B 107 0.71 -34.03 21.47
C PRO B 107 -0.07 -35.30 21.14
N TYR B 108 0.57 -36.13 20.31
CA TYR B 108 0.04 -37.47 20.04
C TYR B 108 1.02 -38.53 20.55
N PRO B 109 0.53 -39.49 21.35
CA PRO B 109 -0.87 -39.58 21.79
C PRO B 109 -1.23 -38.51 22.82
N ARG B 110 -2.52 -38.22 22.96
CA ARG B 110 -2.96 -37.18 23.86
C ARG B 110 -2.46 -37.46 25.27
N PRO B 111 -1.98 -36.45 25.99
CA PRO B 111 -1.49 -36.68 27.35
C PRO B 111 -2.63 -37.13 28.26
N THR B 112 -2.37 -38.19 29.03
CA THR B 112 -3.33 -38.68 30.00
C THR B 112 -3.23 -37.96 31.34
N SER B 113 -2.04 -37.45 31.67
CA SER B 113 -1.79 -36.63 32.85
C SER B 113 -1.96 -35.15 32.50
N PRO B 114 -2.51 -34.35 33.42
CA PRO B 114 -2.66 -32.92 33.15
C PRO B 114 -1.33 -32.26 32.83
N THR B 115 -1.27 -31.63 31.65
CA THR B 115 -0.06 -31.05 31.07
C THR B 115 -0.10 -29.53 31.11
N PRO B 116 1.01 -28.88 31.46
CA PRO B 116 1.04 -27.41 31.45
C PRO B 116 0.73 -26.84 30.08
N VAL B 117 0.11 -25.66 30.07
CA VAL B 117 -0.45 -25.05 28.88
C VAL B 117 0.27 -23.75 28.59
N LEU B 118 0.73 -23.59 27.35
CA LEU B 118 1.27 -22.33 26.85
C LEU B 118 0.20 -21.63 26.03
N VAL B 119 0.01 -20.34 26.29
CA VAL B 119 -0.99 -19.53 25.59
C VAL B 119 -0.27 -18.38 24.89
N TRP B 120 -0.37 -18.36 23.56
CA TRP B 120 0.33 -17.37 22.75
C TRP B 120 -0.59 -16.20 22.42
N ILE B 121 -0.04 -15.00 22.52
CA ILE B 121 -0.74 -13.76 22.16
C ILE B 121 0.14 -13.03 21.16
N TYR B 122 -0.30 -12.97 19.91
CA TYR B 122 0.50 -12.35 18.88
C TYR B 122 0.60 -10.84 19.07
N GLY B 123 1.66 -10.26 18.50
CA GLY B 123 1.85 -8.83 18.51
C GLY B 123 1.38 -8.19 17.21
N GLY B 124 1.74 -6.92 17.05
CA GLY B 124 1.36 -6.17 15.87
C GLY B 124 0.82 -4.80 16.18
N GLY B 125 1.38 -4.15 17.21
CA GLY B 125 1.03 -2.79 17.57
C GLY B 125 -0.45 -2.56 17.82
N PHE B 126 -1.18 -3.61 18.18
CA PHE B 126 -2.62 -3.59 18.41
C PHE B 126 -3.41 -3.18 17.16
N TYR B 127 -2.77 -3.17 15.99
CA TYR B 127 -3.45 -2.86 14.74
C TYR B 127 -3.40 -3.99 13.73
N SER B 128 -2.67 -5.06 14.00
CA SER B 128 -2.52 -6.16 13.05
C SER B 128 -2.15 -7.42 13.82
N GLY B 129 -1.96 -8.50 13.09
CA GLY B 129 -1.59 -9.78 13.67
C GLY B 129 -2.67 -10.83 13.50
N ALA B 130 -2.25 -12.09 13.60
CA ALA B 130 -3.16 -13.21 13.47
C ALA B 130 -2.47 -14.46 14.01
N SER B 131 -3.28 -15.35 14.59
CA SER B 131 -2.75 -16.61 15.11
C SER B 131 -2.46 -17.63 14.01
N SER B 132 -2.84 -17.34 12.77
CA SER B 132 -2.69 -18.27 11.66
C SER B 132 -1.37 -18.12 10.92
N LEU B 133 -0.51 -17.18 11.34
CA LEU B 133 0.74 -16.96 10.63
C LEU B 133 1.64 -18.18 10.71
N ASP B 134 2.37 -18.43 9.62
CA ASP B 134 3.24 -19.62 9.56
C ASP B 134 4.27 -19.63 10.68
N VAL B 135 4.76 -18.44 11.08
CA VAL B 135 5.78 -18.36 12.10
C VAL B 135 5.25 -18.66 13.50
N TYR B 136 3.94 -18.80 13.66
CA TYR B 136 3.34 -19.16 14.93
C TYR B 136 2.90 -20.62 14.99
N ASP B 137 3.38 -21.44 14.06
CA ASP B 137 2.98 -22.85 14.01
C ASP B 137 3.42 -23.57 15.28
N GLY B 138 2.47 -24.13 15.99
CA GLY B 138 2.72 -24.78 17.26
C GLY B 138 3.03 -26.26 17.20
N ARG B 139 3.20 -26.83 16.01
CA ARG B 139 3.39 -28.28 15.90
C ARG B 139 4.76 -28.71 16.39
N PHE B 140 5.78 -27.85 16.25
CA PHE B 140 7.12 -28.24 16.66
C PHE B 140 7.34 -28.06 18.15
N LEU B 141 6.77 -26.99 18.73
CA LEU B 141 6.90 -26.78 20.16
C LEU B 141 6.14 -27.84 20.96
N VAL B 142 4.99 -28.27 20.46
CA VAL B 142 4.19 -29.27 21.16
C VAL B 142 4.78 -30.66 21.00
N GLN B 143 5.35 -30.97 19.84
CA GLN B 143 5.93 -32.29 19.63
C GLN B 143 7.22 -32.44 20.45
N ALA B 144 8.07 -31.42 20.44
CA ALA B 144 9.38 -31.55 21.05
C ALA B 144 9.30 -31.50 22.57
N GLU B 145 8.33 -30.78 23.13
CA GLU B 145 8.25 -30.57 24.57
C GLU B 145 6.98 -31.11 25.20
N ARG B 146 6.05 -31.66 24.40
CA ARG B 146 4.86 -32.35 24.91
C ARG B 146 4.06 -31.47 25.86
N THR B 147 3.95 -30.18 25.52
CA THR B 147 3.06 -29.27 26.22
C THR B 147 1.81 -29.04 25.38
N VAL B 148 0.87 -28.28 25.93
CA VAL B 148 -0.34 -27.89 25.22
C VAL B 148 -0.22 -26.42 24.88
N LEU B 149 -0.32 -26.09 23.59
CA LEU B 149 -0.20 -24.73 23.11
C LEU B 149 -1.55 -24.23 22.64
N VAL B 150 -1.95 -23.05 23.13
CA VAL B 150 -3.20 -22.41 22.77
C VAL B 150 -2.89 -21.01 22.24
N SER B 151 -3.61 -20.60 21.20
CA SER B 151 -3.48 -19.25 20.68
C SER B 151 -4.84 -18.80 20.15
N MET B 152 -5.11 -17.51 20.30
CA MET B 152 -6.40 -16.95 19.94
C MET B 152 -6.21 -15.72 19.05
N ASN B 153 -7.25 -15.42 18.26
CA ASN B 153 -7.36 -14.15 17.58
C ASN B 153 -8.08 -13.16 18.48
N TYR B 154 -7.64 -11.92 18.46
CA TYR B 154 -8.31 -10.85 19.17
C TYR B 154 -8.44 -9.64 18.24
N ARG B 155 -9.50 -8.86 18.45
CA ARG B 155 -9.76 -7.72 17.59
C ARG B 155 -8.66 -6.67 17.74
N VAL B 156 -8.17 -6.19 16.60
CA VAL B 156 -7.13 -5.18 16.56
C VAL B 156 -7.70 -3.93 15.90
N GLY B 157 -6.91 -2.85 15.94
CA GLY B 157 -7.34 -1.61 15.34
C GLY B 157 -8.55 -1.03 16.03
N ALA B 158 -9.33 -0.28 15.25
CA ALA B 158 -10.53 0.37 15.80
C ALA B 158 -11.52 -0.65 16.35
N PHE B 159 -11.65 -1.80 15.67
CA PHE B 159 -12.60 -2.81 16.10
C PHE B 159 -12.26 -3.38 17.46
N GLY B 160 -11.02 -3.23 17.91
CA GLY B 160 -10.62 -3.77 19.19
C GLY B 160 -10.30 -2.73 20.24
N PHE B 161 -9.94 -1.51 19.82
CA PHE B 161 -9.44 -0.54 20.78
C PHE B 161 -9.90 0.90 20.52
N LEU B 162 -10.85 1.12 19.61
CA LEU B 162 -11.49 2.43 19.53
C LEU B 162 -12.28 2.66 20.82
N ALA B 163 -12.08 3.82 21.43
CA ALA B 163 -12.65 4.07 22.75
C ALA B 163 -13.19 5.48 22.84
N LEU B 164 -14.46 5.59 23.21
CA LEU B 164 -15.06 6.83 23.69
C LEU B 164 -15.29 6.64 25.19
N PRO B 165 -14.31 6.98 26.03
CA PRO B 165 -14.37 6.59 27.44
C PRO B 165 -15.61 7.10 28.13
N GLY B 166 -16.20 6.24 28.96
CA GLY B 166 -17.43 6.58 29.67
C GLY B 166 -18.65 5.93 29.06
N SER B 167 -18.78 6.01 27.74
CA SER B 167 -19.94 5.46 27.07
C SER B 167 -19.92 3.93 27.09
N ARG B 168 -21.08 3.33 26.82
CA ARG B 168 -21.23 1.89 26.77
C ARG B 168 -21.18 1.33 25.36
N GLU B 169 -21.24 2.18 24.33
CA GLU B 169 -21.22 1.69 22.96
C GLU B 169 -19.81 1.42 22.48
N ALA B 170 -18.83 2.20 22.94
CA ALA B 170 -17.41 2.00 22.59
C ALA B 170 -16.57 2.20 23.84
N PRO B 171 -16.60 1.26 24.77
CA PRO B 171 -15.86 1.43 26.03
C PRO B 171 -14.36 1.28 25.87
N GLY B 172 -13.89 0.65 24.81
CA GLY B 172 -12.48 0.40 24.63
C GLY B 172 -12.01 -0.88 25.29
N ASN B 173 -10.79 -1.28 24.93
CA ASN B 173 -10.12 -2.46 25.48
C ASN B 173 -10.85 -3.76 25.18
N VAL B 174 -11.82 -3.76 24.26
CA VAL B 174 -12.53 -4.99 23.96
C VAL B 174 -11.62 -6.03 23.34
N GLY B 175 -10.52 -5.61 22.70
CA GLY B 175 -9.56 -6.57 22.21
C GLY B 175 -8.83 -7.30 23.34
N LEU B 176 -8.57 -6.58 24.44
CA LEU B 176 -8.02 -7.24 25.62
C LEU B 176 -9.05 -8.17 26.25
N LEU B 177 -10.33 -7.80 26.18
CA LEU B 177 -11.37 -8.68 26.70
C LEU B 177 -11.53 -9.93 25.83
N ASP B 178 -11.27 -9.82 24.53
CA ASP B 178 -11.23 -11.01 23.68
C ASP B 178 -10.20 -12.00 24.18
N GLN B 179 -9.01 -11.51 24.54
CA GLN B 179 -7.97 -12.38 25.07
C GLN B 179 -8.38 -13.00 26.40
N ARG B 180 -9.02 -12.20 27.26
CA ARG B 180 -9.47 -12.71 28.55
C ARG B 180 -10.50 -13.82 28.38
N LEU B 181 -11.47 -13.62 27.48
CA LEU B 181 -12.47 -14.64 27.21
C LEU B 181 -11.82 -15.93 26.73
N ALA B 182 -10.80 -15.82 25.89
CA ALA B 182 -10.07 -17.00 25.45
C ALA B 182 -9.33 -17.66 26.61
N LEU B 183 -8.91 -16.87 27.60
CA LEU B 183 -8.28 -17.45 28.78
C LEU B 183 -9.31 -18.14 29.67
N GLN B 184 -10.51 -17.57 29.76
CA GLN B 184 -11.60 -18.27 30.45
C GLN B 184 -11.95 -19.57 29.72
N TRP B 185 -11.88 -19.55 28.39
CA TRP B 185 -12.14 -20.78 27.63
C TRP B 185 -11.11 -21.85 27.93
N VAL B 186 -9.85 -21.44 28.11
CA VAL B 186 -8.81 -22.40 28.47
C VAL B 186 -9.08 -23.01 29.83
N GLN B 187 -9.57 -22.21 30.78
CA GLN B 187 -9.87 -22.74 32.11
C GLN B 187 -10.97 -23.79 32.04
N GLU B 188 -11.95 -23.59 31.16
CA GLU B 188 -13.13 -24.45 31.12
C GLU B 188 -13.00 -25.62 30.13
N ASN B 189 -12.00 -25.61 29.25
CA ASN B 189 -11.97 -26.62 28.20
C ASN B 189 -10.60 -27.20 27.90
N VAL B 190 -9.49 -26.65 28.40
CA VAL B 190 -8.18 -27.18 28.04
C VAL B 190 -7.95 -28.56 28.63
N ALA B 191 -8.72 -28.95 29.65
CA ALA B 191 -8.58 -30.28 30.21
C ALA B 191 -8.99 -31.35 29.21
N ALA B 192 -9.97 -31.06 28.35
CA ALA B 192 -10.42 -32.03 27.36
C ALA B 192 -9.33 -32.37 26.35
N PHE B 193 -8.31 -31.53 26.23
CA PHE B 193 -7.20 -31.78 25.33
C PHE B 193 -5.97 -32.34 26.05
N GLY B 194 -6.10 -32.65 27.33
CA GLY B 194 -4.97 -33.10 28.12
C GLY B 194 -4.19 -32.02 28.80
N GLY B 195 -4.69 -30.78 28.82
CA GLY B 195 -4.00 -29.66 29.40
C GLY B 195 -4.42 -29.39 30.84
N ASP B 196 -3.46 -28.91 31.63
CA ASP B 196 -3.70 -28.63 33.04
C ASP B 196 -4.07 -27.16 33.21
N PRO B 197 -5.32 -26.84 33.56
CA PRO B 197 -5.69 -25.42 33.74
C PRO B 197 -5.08 -24.77 34.97
N THR B 198 -4.36 -25.52 35.81
CA THR B 198 -3.69 -24.95 36.96
C THR B 198 -2.22 -24.62 36.68
N SER B 199 -1.74 -24.86 35.46
CA SER B 199 -0.38 -24.54 35.05
C SER B 199 -0.42 -23.92 33.66
N VAL B 200 -0.92 -22.69 33.58
CA VAL B 200 -1.07 -21.97 32.32
C VAL B 200 -0.04 -20.84 32.29
N THR B 201 0.79 -20.84 31.25
CA THR B 201 1.85 -19.85 31.07
C THR B 201 1.55 -19.01 29.84
N LEU B 202 1.47 -17.70 30.02
CA LEU B 202 1.25 -16.77 28.92
C LEU B 202 2.59 -16.35 28.32
N PHE B 203 2.62 -16.26 26.99
CA PHE B 203 3.79 -15.69 26.32
C PHE B 203 3.34 -14.96 25.07
N GLY B 204 3.82 -13.71 24.92
CA GLY B 204 3.50 -12.91 23.77
C GLY B 204 4.69 -12.05 23.39
N GLU B 205 4.59 -11.44 22.21
CA GLU B 205 5.68 -10.64 21.65
C GLU B 205 5.14 -9.27 21.26
N SVX B 206 5.98 -8.25 21.46
CA SVX B 206 5.64 -6.85 21.20
C SVX B 206 4.31 -6.47 21.85
CB SVX B 206 5.56 -6.59 19.68
O SVX B 206 4.21 -6.45 23.08
OG SVX B 206 5.90 -5.25 19.39
P1 SVX B 206 4.95 -4.59 18.26
C4 SVX B 206 4.70 -2.83 18.84
C2 SVX B 206 4.91 -4.73 15.64
O6 SVX B 206 3.61 -5.29 18.18
O5 SVX B 206 5.69 -4.59 16.79
C1 SVX B 206 4.38 -3.36 15.21
N ALA B 207 3.30 -6.14 21.03
CA ALA B 207 1.99 -5.80 21.58
C ALA B 207 1.38 -6.99 22.30
N GLY B 208 1.75 -8.21 21.91
CA GLY B 208 1.32 -9.38 22.67
C GLY B 208 1.97 -9.43 24.05
N ALA B 209 3.26 -9.11 24.11
CA ALA B 209 3.93 -9.03 25.41
C ALA B 209 3.31 -7.94 26.28
N ALA B 210 2.96 -6.80 25.68
CA ALA B 210 2.26 -5.76 26.41
C ALA B 210 0.89 -6.25 26.88
N SER B 211 0.24 -7.11 26.10
CA SER B 211 -1.03 -7.68 26.53
C SER B 211 -0.84 -8.63 27.70
N VAL B 212 0.18 -9.48 27.63
CA VAL B 212 0.51 -10.36 28.76
C VAL B 212 0.77 -9.53 30.01
N GLY B 213 1.44 -8.38 29.85
CA GLY B 213 1.70 -7.54 31.00
C GLY B 213 0.45 -6.90 31.57
N MET B 214 -0.48 -6.51 30.70
CA MET B 214 -1.71 -5.86 31.17
C MET B 214 -2.64 -6.85 31.85
N HIS B 215 -2.57 -8.13 31.49
CA HIS B 215 -3.35 -9.14 32.19
C HIS B 215 -2.85 -9.36 33.61
N LEU B 216 -1.54 -9.20 33.83
CA LEU B 216 -1.00 -9.26 35.18
C LEU B 216 -1.57 -8.13 36.05
N LEU B 217 -1.74 -6.95 35.46
CA LEU B 217 -2.21 -5.77 36.18
C LEU B 217 -3.73 -5.68 36.24
N SER B 218 -4.45 -6.66 35.72
CA SER B 218 -5.91 -6.68 35.77
C SER B 218 -6.37 -7.84 36.64
N PRO B 219 -7.02 -7.58 37.78
CA PRO B 219 -7.41 -8.67 38.69
C PRO B 219 -8.28 -9.72 38.03
N PRO B 220 -9.30 -9.36 37.24
CA PRO B 220 -10.11 -10.42 36.60
C PRO B 220 -9.30 -11.33 35.69
N SER B 221 -8.23 -10.81 35.08
CA SER B 221 -7.40 -11.66 34.23
C SER B 221 -6.33 -12.39 35.02
N ARG B 222 -5.87 -11.82 36.13
CA ARG B 222 -4.75 -12.38 36.87
C ARG B 222 -5.06 -13.78 37.37
N GLY B 223 -6.30 -14.02 37.76
CA GLY B 223 -6.68 -15.33 38.26
C GLY B 223 -6.79 -16.42 37.22
N LEU B 224 -6.59 -16.09 35.94
CA LEU B 224 -6.75 -17.05 34.85
C LEU B 224 -5.43 -17.67 34.40
N PHE B 225 -4.33 -17.32 35.04
CA PHE B 225 -3.03 -17.87 34.66
C PHE B 225 -2.07 -17.74 35.84
N HIS B 226 -0.87 -18.29 35.66
CA HIS B 226 0.05 -18.44 36.79
C HIS B 226 1.44 -17.92 36.47
N ARG B 227 1.81 -17.92 35.19
CA ARG B 227 3.11 -17.45 34.76
C ARG B 227 2.95 -16.54 33.56
N ALA B 228 4.01 -15.78 33.27
CA ALA B 228 3.97 -14.80 32.19
C ALA B 228 5.34 -14.73 31.52
N VAL B 229 5.32 -14.63 30.19
CA VAL B 229 6.52 -14.40 29.40
C VAL B 229 6.27 -13.19 28.50
N LEU B 230 7.20 -12.24 28.54
CA LEU B 230 7.07 -10.99 27.78
C LEU B 230 8.30 -10.85 26.89
N GLN B 231 8.09 -10.96 25.58
CA GLN B 231 9.17 -10.92 24.59
C GLN B 231 9.11 -9.58 23.86
N SER B 232 10.11 -8.74 24.07
CA SER B 232 10.26 -7.48 23.34
C SER B 232 9.02 -6.60 23.48
N GLY B 233 8.52 -6.49 24.70
CA GLY B 233 7.34 -5.67 24.95
C GLY B 233 7.02 -5.63 26.43
N ALA B 234 6.33 -4.57 26.81
CA ALA B 234 5.92 -4.33 28.19
C ALA B 234 4.68 -3.46 28.18
N PRO B 235 3.82 -3.58 29.20
CA PRO B 235 2.61 -2.74 29.22
C PRO B 235 2.88 -1.28 29.52
N ASN B 236 4.06 -0.94 30.03
CA ASN B 236 4.35 0.41 30.48
C ASN B 236 5.08 1.25 29.43
N GLY B 237 5.19 0.76 28.19
CA GLY B 237 5.86 1.48 27.14
C GLY B 237 5.11 2.73 26.73
N PRO B 238 5.79 3.64 26.02
CA PRO B 238 5.14 4.87 25.57
C PRO B 238 4.17 4.68 24.42
N TRP B 239 4.01 3.44 23.93
CA TRP B 239 3.13 3.15 22.81
C TRP B 239 1.98 2.23 23.16
N ALA B 240 2.05 1.51 24.28
CA ALA B 240 1.09 0.45 24.57
C ALA B 240 -0.22 0.98 25.15
N THR B 241 -0.25 2.19 25.67
CA THR B 241 -1.45 2.76 26.26
C THR B 241 -1.67 4.17 25.72
N VAL B 242 -2.85 4.71 26.00
CA VAL B 242 -3.22 6.06 25.59
C VAL B 242 -4.21 6.61 26.59
N GLY B 243 -4.22 7.94 26.72
CA GLY B 243 -5.12 8.60 27.65
C GLY B 243 -6.55 8.67 27.13
N MET B 244 -7.46 8.96 28.06
CA MET B 244 -8.88 9.04 27.70
C MET B 244 -9.15 10.17 26.72
N GLY B 245 -8.55 11.33 26.96
CA GLY B 245 -8.77 12.46 26.07
C GLY B 245 -8.22 12.24 24.68
N GLU B 246 -7.05 11.61 24.59
CA GLU B 246 -6.45 11.36 23.27
C GLU B 246 -7.19 10.23 22.54
N ALA B 247 -7.63 9.22 23.27
CA ALA B 247 -8.41 8.15 22.64
C ALA B 247 -9.73 8.67 22.11
N ARG B 248 -10.33 9.65 22.79
CA ARG B 248 -11.58 10.24 22.31
C ARG B 248 -11.32 11.08 21.06
N ARG B 249 -10.20 11.81 21.02
CA ARG B 249 -9.88 12.63 19.87
C ARG B 249 -9.63 11.77 18.63
N ARG B 250 -8.92 10.65 18.80
CA ARG B 250 -8.65 9.77 17.67
C ARG B 250 -9.92 9.11 17.17
N ALA B 251 -10.79 8.66 18.08
CA ALA B 251 -12.05 8.06 17.68
C ALA B 251 -12.95 9.07 16.97
N THR B 252 -12.93 10.33 17.44
CA THR B 252 -13.77 11.34 16.83
C THR B 252 -13.28 11.70 15.43
N GLN B 253 -11.95 11.78 15.24
CA GLN B 253 -11.43 12.13 13.92
C GLN B 253 -11.62 10.99 12.94
N LEU B 254 -11.50 9.74 13.39
CA LEU B 254 -11.81 8.61 12.53
C LEU B 254 -13.27 8.67 12.06
N ALA B 255 -14.18 9.00 12.98
CA ALA B 255 -15.57 9.21 12.59
C ALA B 255 -15.68 10.33 11.56
N HIS B 256 -14.94 11.42 11.76
CA HIS B 256 -14.97 12.53 10.81
C HIS B 256 -14.46 12.10 9.44
N LEU B 257 -13.37 11.33 9.42
CA LEU B 257 -12.77 10.92 8.15
C LEU B 257 -13.68 10.00 7.34
N VAL B 258 -14.62 9.31 7.98
CA VAL B 258 -15.56 8.44 7.27
C VAL B 258 -16.94 9.08 7.15
N GLY B 259 -17.09 10.33 7.56
CA GLY B 259 -18.35 11.04 7.42
C GLY B 259 -19.27 10.94 8.62
N CYS B 260 -18.75 10.73 9.82
CA CYS B 260 -19.57 10.65 11.01
C CYS B 260 -19.24 11.77 11.99
N PRO B 261 -20.27 12.49 12.46
CA PRO B 261 -21.67 12.33 12.06
C PRO B 261 -21.96 13.04 10.74
N PRO B 262 -23.07 12.70 10.09
CA PRO B 262 -23.44 13.40 8.86
C PRO B 262 -23.62 14.90 9.11
N GLY B 263 -23.57 15.66 8.01
CA GLY B 263 -23.72 17.10 8.09
C GLY B 263 -25.02 17.51 8.76
N GLY B 264 -24.92 18.19 9.89
CA GLY B 264 -26.10 18.60 10.62
C GLY B 264 -26.65 17.55 11.56
N THR B 265 -25.77 16.82 12.24
CA THR B 265 -26.18 15.77 13.17
C THR B 265 -25.46 15.95 14.50
N GLY B 266 -26.18 15.76 15.60
CA GLY B 266 -25.55 15.82 16.90
C GLY B 266 -24.46 14.79 17.04
N GLY B 267 -23.42 15.16 17.79
CA GLY B 267 -22.24 14.31 17.88
C GLY B 267 -21.95 13.73 19.25
N ASN B 268 -22.99 13.27 19.95
CA ASN B 268 -22.76 12.57 21.19
C ASN B 268 -22.22 11.17 20.91
N ASP B 269 -21.85 10.47 21.99
CA ASP B 269 -21.19 9.18 21.84
C ASP B 269 -22.09 8.15 21.18
N THR B 270 -23.39 8.15 21.52
CA THR B 270 -24.30 7.16 20.95
C THR B 270 -24.49 7.40 19.45
N GLU B 271 -24.71 8.65 19.05
CA GLU B 271 -24.88 8.95 17.63
C GLU B 271 -23.59 8.72 16.85
N LEU B 272 -22.44 8.89 17.50
CA LEU B 272 -21.17 8.71 16.80
C LEU B 272 -20.88 7.25 16.55
N VAL B 273 -21.09 6.38 17.54
CA VAL B 273 -20.83 4.96 17.38
C VAL B 273 -21.84 4.33 16.42
N ALA B 274 -23.10 4.76 16.51
CA ALA B 274 -24.12 4.23 15.61
C ALA B 274 -23.78 4.52 14.15
N CYS B 275 -23.25 5.71 13.88
CA CYS B 275 -22.80 6.02 12.53
C CYS B 275 -21.59 5.20 12.14
N LEU B 276 -20.68 4.95 13.09
CA LEU B 276 -19.51 4.12 12.80
C LEU B 276 -19.89 2.67 12.52
N ARG B 277 -20.97 2.19 13.13
CA ARG B 277 -21.40 0.80 12.93
C ARG B 277 -22.00 0.57 11.56
N THR B 278 -22.35 1.61 10.83
CA THR B 278 -22.93 1.45 9.49
C THR B 278 -21.88 1.41 8.39
N ARG B 279 -20.64 1.82 8.68
CA ARG B 279 -19.61 1.85 7.67
C ARG B 279 -19.02 0.46 7.45
N PRO B 280 -18.71 0.09 6.21
CA PRO B 280 -17.98 -1.17 5.97
C PRO B 280 -16.66 -1.17 6.72
N ALA B 281 -16.26 -2.37 7.17
CA ALA B 281 -15.07 -2.50 7.99
C ALA B 281 -13.83 -1.98 7.26
N GLN B 282 -13.75 -2.20 5.95
CA GLN B 282 -12.59 -1.76 5.19
C GLN B 282 -12.49 -0.23 5.15
N VAL B 283 -13.64 0.47 5.22
CA VAL B 283 -13.62 1.92 5.20
C VAL B 283 -12.95 2.47 6.46
N LEU B 284 -13.25 1.88 7.62
CA LEU B 284 -12.60 2.31 8.86
C LEU B 284 -11.11 2.03 8.82
N VAL B 285 -10.71 0.89 8.26
CA VAL B 285 -9.29 0.53 8.19
C VAL B 285 -8.55 1.51 7.29
N ASN B 286 -9.18 1.94 6.20
CA ASN B 286 -8.53 2.79 5.21
C ASN B 286 -8.20 4.19 5.74
N HIS B 287 -8.65 4.53 6.96
CA HIS B 287 -8.34 5.82 7.55
C HIS B 287 -7.73 5.68 8.94
N GLU B 288 -7.13 4.54 9.23
CA GLU B 288 -6.66 4.27 10.59
C GLU B 288 -5.42 5.11 10.92
N TRP B 289 -4.45 5.16 10.02
CA TRP B 289 -3.21 5.87 10.29
C TRP B 289 -3.36 7.39 10.17
N HIS B 290 -4.50 7.87 9.72
CA HIS B 290 -4.73 9.31 9.54
C HIS B 290 -5.20 10.00 10.82
N VAL B 291 -5.14 9.32 11.97
CA VAL B 291 -5.55 9.91 13.23
C VAL B 291 -4.40 10.07 14.21
N LEU B 292 -3.20 9.61 13.87
CA LEU B 292 -2.05 9.82 14.74
C LEU B 292 -1.74 11.32 14.82
N PRO B 293 -1.31 11.81 15.99
CA PRO B 293 -1.11 13.26 16.14
C PRO B 293 -0.02 13.83 15.25
N GLN B 294 1.08 13.11 15.03
CA GLN B 294 2.19 13.63 14.26
C GLN B 294 2.96 12.49 13.60
N GLU B 295 3.84 12.87 12.67
CA GLU B 295 4.73 11.93 12.02
C GLU B 295 5.61 11.23 13.06
N SER B 296 5.63 9.91 13.02
CA SER B 296 6.33 9.14 14.04
C SER B 296 6.49 7.70 13.59
N VAL B 297 7.41 7.00 14.24
CA VAL B 297 7.51 5.55 14.15
C VAL B 297 7.22 4.98 15.53
N PHE B 298 6.80 3.71 15.54
CA PHE B 298 6.50 2.99 16.79
C PHE B 298 5.37 3.66 17.57
N ARG B 299 4.39 4.20 16.84
CA ARG B 299 3.19 4.76 17.43
C ARG B 299 1.98 4.25 16.65
N PHE B 300 0.92 3.89 17.38
CA PHE B 300 -0.22 3.22 16.78
C PHE B 300 -1.51 3.90 17.22
N SER B 301 -2.50 3.88 16.32
CA SER B 301 -3.69 4.72 16.47
C SER B 301 -4.55 4.25 17.64
N PHE B 302 -4.94 2.98 17.65
CA PHE B 302 -5.87 2.47 18.64
C PHE B 302 -5.18 1.41 19.48
N VAL B 303 -4.93 1.75 20.74
CA VAL B 303 -4.22 0.90 21.68
C VAL B 303 -5.06 0.83 22.96
N PRO B 304 -4.72 -0.04 23.92
CA PRO B 304 -5.45 -0.04 25.19
C PRO B 304 -5.49 1.34 25.84
N VAL B 305 -6.66 1.69 26.36
CA VAL B 305 -6.89 3.00 26.97
C VAL B 305 -6.88 2.83 28.49
N VAL B 306 -6.34 3.82 29.19
CA VAL B 306 -6.32 3.84 30.64
C VAL B 306 -7.65 4.47 31.09
N ASP B 307 -8.60 3.61 31.48
CA ASP B 307 -9.97 4.03 31.71
C ASP B 307 -10.43 3.91 33.15
N GLY B 308 -9.76 3.12 33.98
CA GLY B 308 -10.25 2.81 35.31
C GLY B 308 -11.07 1.54 35.38
N ASP B 309 -11.33 0.89 34.25
CA ASP B 309 -12.09 -0.36 34.22
C ASP B 309 -11.14 -1.55 34.11
N PHE B 310 -10.67 -1.84 32.89
CA PHE B 310 -9.71 -2.91 32.71
C PHE B 310 -8.39 -2.61 33.42
N LEU B 311 -7.94 -1.36 33.36
CA LEU B 311 -6.76 -0.90 34.07
C LEU B 311 -7.20 0.19 35.04
N SER B 312 -7.20 -0.14 36.34
CA SER B 312 -7.64 0.84 37.34
C SER B 312 -6.76 2.07 37.36
N ASP B 313 -5.51 1.93 36.95
CA ASP B 313 -4.58 3.05 36.86
C ASP B 313 -3.64 2.79 35.69
N THR B 314 -2.71 3.72 35.46
CA THR B 314 -1.72 3.53 34.42
C THR B 314 -0.89 2.29 34.69
N PRO B 315 -0.37 1.63 33.66
CA PRO B 315 0.48 0.46 33.89
C PRO B 315 1.67 0.74 34.80
N GLU B 316 2.32 1.90 34.66
CA GLU B 316 3.45 2.21 35.52
C GLU B 316 3.02 2.34 36.98
N ALA B 317 1.86 2.96 37.22
CA ALA B 317 1.37 3.09 38.58
C ALA B 317 1.03 1.74 39.18
N LEU B 318 0.41 0.86 38.40
CA LEU B 318 0.08 -0.47 38.89
C LEU B 318 1.31 -1.33 39.11
N ILE B 319 2.34 -1.15 38.28
CA ILE B 319 3.58 -1.91 38.45
C ILE B 319 4.29 -1.50 39.73
N ASN B 320 4.33 -0.20 40.03
CA ASN B 320 5.02 0.27 41.22
C ASN B 320 4.33 -0.21 42.49
N ALA B 321 3.01 -0.15 42.53
CA ALA B 321 2.24 -0.52 43.72
C ALA B 321 1.82 -1.98 43.73
N GLY B 322 2.39 -2.81 42.86
CA GLY B 322 1.95 -4.19 42.73
C GLY B 322 2.76 -5.14 43.61
N ASP B 323 2.07 -6.14 44.15
CA ASP B 323 2.67 -7.23 44.92
C ASP B 323 2.65 -8.47 44.04
N PHE B 324 3.83 -8.94 43.64
CA PHE B 324 3.96 -10.01 42.67
C PHE B 324 4.57 -11.28 43.28
N HIS B 325 4.31 -11.52 44.57
CA HIS B 325 4.79 -12.74 45.21
C HIS B 325 4.05 -13.96 44.64
N GLY B 326 4.79 -15.03 44.41
CA GLY B 326 4.23 -16.24 43.84
C GLY B 326 4.15 -16.26 42.33
N LEU B 327 4.81 -15.32 41.65
CA LEU B 327 4.74 -15.21 40.20
C LEU B 327 6.15 -15.34 39.61
N GLN B 328 6.25 -16.11 38.53
CA GLN B 328 7.50 -16.26 37.79
C GLN B 328 7.33 -15.62 36.41
N VAL B 329 8.28 -14.76 36.04
CA VAL B 329 8.21 -14.01 34.79
C VAL B 329 9.48 -14.24 34.00
N LEU B 330 9.35 -14.41 32.69
CA LEU B 330 10.47 -14.51 31.76
C LEU B 330 10.37 -13.34 30.79
N VAL B 331 11.31 -12.40 30.89
CA VAL B 331 11.34 -11.23 30.03
C VAL B 331 12.62 -11.25 29.21
N GLY B 332 12.63 -10.45 28.15
CA GLY B 332 13.81 -10.36 27.30
C GLY B 332 13.54 -9.49 26.09
N VAL B 333 14.61 -9.26 25.34
CA VAL B 333 14.60 -8.42 24.15
C VAL B 333 15.52 -9.06 23.10
N VAL B 334 15.45 -8.53 21.89
CA VAL B 334 16.38 -8.90 20.84
C VAL B 334 17.51 -7.88 20.82
N LYS B 335 18.55 -8.17 20.03
CA LYS B 335 19.76 -7.35 20.07
C LYS B 335 19.53 -5.97 19.48
N ASP B 336 18.75 -5.87 18.41
CA ASP B 336 18.52 -4.62 17.70
C ASP B 336 17.02 -4.37 17.62
N GLU B 337 16.46 -3.82 18.70
CA GLU B 337 15.01 -3.65 18.79
C GLU B 337 14.49 -2.56 17.86
N GLY B 338 15.32 -1.57 17.53
CA GLY B 338 14.82 -0.40 16.83
C GLY B 338 15.03 -0.37 15.33
N SER B 339 15.90 -1.23 14.80
CA SER B 339 16.31 -1.13 13.41
C SER B 339 15.16 -1.38 12.43
N TYR B 340 14.24 -2.30 12.78
CA TYR B 340 13.16 -2.65 11.86
C TYR B 340 12.18 -1.50 11.67
N PHE B 341 11.97 -0.68 12.70
CA PHE B 341 11.02 0.41 12.62
C PHE B 341 11.57 1.66 11.94
N LEU B 342 12.86 1.69 11.65
CA LEU B 342 13.46 2.91 11.08
C LEU B 342 13.09 3.08 9.61
N VAL B 343 12.81 1.98 8.90
CA VAL B 343 12.41 2.08 7.50
C VAL B 343 10.97 2.52 7.34
N TYR B 344 10.25 2.78 8.44
CA TYR B 344 8.86 3.20 8.40
C TYR B 344 8.67 4.69 8.68
N GLY B 345 9.67 5.52 8.34
CA GLY B 345 9.49 6.94 8.49
C GLY B 345 10.75 7.74 8.80
N ALA B 346 11.78 7.09 9.32
CA ALA B 346 13.00 7.81 9.65
C ALA B 346 13.71 8.24 8.36
N PRO B 347 14.10 9.51 8.24
CA PRO B 347 14.67 9.99 6.97
C PRO B 347 16.00 9.33 6.66
N GLY B 348 16.22 9.05 5.38
CA GLY B 348 17.46 8.47 4.91
C GLY B 348 17.56 6.97 5.05
N PHE B 349 16.57 6.30 5.62
CA PHE B 349 16.62 4.87 5.85
C PHE B 349 15.92 4.11 4.73
N SER B 350 16.52 3.00 4.33
CA SER B 350 15.99 2.14 3.28
C SER B 350 16.54 0.74 3.50
N LYS B 351 15.66 -0.26 3.37
CA LYS B 351 16.10 -1.64 3.55
C LYS B 351 16.99 -2.11 2.40
N ASP B 352 17.05 -1.36 1.30
CA ASP B 352 17.76 -1.78 0.10
C ASP B 352 19.09 -1.07 -0.09
N ASN B 353 19.50 -0.24 0.88
CA ASN B 353 20.88 0.25 0.91
C ASN B 353 21.42 0.14 2.33
N GLU B 354 22.56 0.78 2.60
CA GLU B 354 23.21 0.67 3.89
C GLU B 354 22.65 1.64 4.93
N SER B 355 21.75 2.54 4.53
CA SER B 355 21.14 3.51 5.45
C SER B 355 22.21 4.31 6.19
N LEU B 356 23.26 4.70 5.48
CA LEU B 356 24.32 5.54 6.03
C LEU B 356 23.81 6.97 6.10
N ILE B 357 23.09 7.26 7.18
CA ILE B 357 22.42 8.56 7.31
C ILE B 357 23.42 9.64 7.69
N SER B 358 23.05 10.88 7.41
CA SER B 358 23.87 12.04 7.75
C SER B 358 23.53 12.53 9.15
N ARG B 359 24.33 13.49 9.63
CA ARG B 359 24.08 14.08 10.94
C ARG B 359 22.73 14.79 10.98
N ALA B 360 22.37 15.47 9.89
CA ALA B 360 21.08 16.16 9.83
C ALA B 360 19.93 15.17 9.83
N GLU B 361 20.08 14.05 9.10
CA GLU B 361 19.05 13.03 9.10
C GLU B 361 18.91 12.36 10.47
N PHE B 362 20.02 12.20 11.19
CA PHE B 362 19.94 11.67 12.55
C PHE B 362 19.17 12.62 13.45
N LEU B 363 19.44 13.92 13.36
CA LEU B 363 18.73 14.89 14.19
C LEU B 363 17.25 14.92 13.84
N ALA B 364 16.91 14.77 12.56
CA ALA B 364 15.50 14.73 12.18
C ALA B 364 14.85 13.42 12.59
N GLY B 365 15.61 12.32 12.54
CA GLY B 365 15.07 11.04 12.92
C GLY B 365 14.74 10.92 14.40
N VAL B 366 15.48 11.65 15.25
CA VAL B 366 15.21 11.63 16.68
C VAL B 366 13.83 12.19 16.98
N ARG B 367 13.43 13.23 16.24
CA ARG B 367 12.10 13.80 16.44
C ARG B 367 11.01 12.85 15.95
N VAL B 368 11.32 11.99 14.99
CA VAL B 368 10.36 10.99 14.55
C VAL B 368 10.32 9.82 15.51
N GLY B 369 11.48 9.39 16.01
CA GLY B 369 11.52 8.28 16.94
C GLY B 369 11.04 8.65 18.33
N VAL B 370 11.18 9.91 18.72
CA VAL B 370 10.72 10.38 20.02
C VAL B 370 9.77 11.54 19.80
N PRO B 371 8.51 11.30 19.46
CA PRO B 371 7.57 12.40 19.21
C PRO B 371 7.02 13.01 20.49
N GLN B 372 6.54 14.24 20.37
CA GLN B 372 5.90 14.97 21.45
C GLN B 372 6.85 15.18 22.63
N VAL B 373 8.07 15.63 22.33
CA VAL B 373 9.02 16.02 23.35
C VAL B 373 9.54 17.42 23.02
N SER B 374 9.83 18.18 24.07
CA SER B 374 10.35 19.53 23.89
C SER B 374 11.70 19.48 23.17
N ASP B 375 12.05 20.61 22.55
CA ASP B 375 13.34 20.70 21.87
C ASP B 375 14.49 20.47 22.84
N LEU B 376 14.30 20.85 24.12
CA LEU B 376 15.31 20.56 25.13
C LEU B 376 15.42 19.05 25.38
N ALA B 377 14.28 18.36 25.39
CA ALA B 377 14.30 16.92 25.57
C ALA B 377 15.00 16.22 24.41
N ALA B 378 14.78 16.72 23.19
CA ALA B 378 15.48 16.16 22.03
C ALA B 378 16.99 16.40 22.14
N GLU B 379 17.40 17.56 22.65
CA GLU B 379 18.81 17.82 22.85
C GLU B 379 19.45 16.80 23.80
N ALA B 380 18.74 16.45 24.87
CA ALA B 380 19.26 15.47 25.82
C ALA B 380 19.38 14.09 25.18
N VAL B 381 18.45 13.75 24.29
CA VAL B 381 18.54 12.47 23.60
C VAL B 381 19.74 12.43 22.67
N VAL B 382 19.96 13.52 21.92
CA VAL B 382 21.12 13.58 21.03
C VAL B 382 22.41 13.54 21.82
N LEU B 383 22.44 14.18 22.99
CA LEU B 383 23.65 14.18 23.81
C LEU B 383 24.01 12.78 24.27
N HIS B 384 23.02 11.99 24.68
N HIS B 384 23.02 12.00 24.69
CA HIS B 384 23.31 10.66 25.21
CA HIS B 384 23.27 10.66 25.22
C HIS B 384 23.68 9.68 24.11
C HIS B 384 23.62 9.65 24.13
N TYR B 385 23.16 9.87 22.90
CA TYR B 385 23.34 8.90 21.82
C TYR B 385 24.31 9.38 20.74
N THR B 386 25.03 10.47 20.96
CA THR B 386 26.07 10.90 20.04
C THR B 386 27.43 10.45 20.56
N ASP B 387 28.20 9.79 19.69
CA ASP B 387 29.61 9.54 19.96
C ASP B 387 30.36 10.80 19.59
N TRP B 388 30.68 11.63 20.58
CA TRP B 388 31.28 12.92 20.30
C TRP B 388 32.71 12.83 19.82
N LEU B 389 33.30 11.64 19.77
CA LEU B 389 34.57 11.45 19.09
C LEU B 389 34.38 11.15 17.61
N HIS B 390 33.19 10.70 17.20
CA HIS B 390 32.85 10.51 15.79
C HIS B 390 31.41 10.98 15.57
N PRO B 391 31.15 12.28 15.75
CA PRO B 391 29.76 12.75 15.77
C PRO B 391 29.07 12.74 14.41
N GLU B 392 29.81 12.51 13.32
CA GLU B 392 29.25 12.56 11.99
C GLU B 392 29.37 11.23 11.24
N ASP B 393 29.94 10.20 11.86
CA ASP B 393 30.10 8.91 11.20
C ASP B 393 28.73 8.34 10.84
N PRO B 394 28.43 8.13 9.56
CA PRO B 394 27.09 7.65 9.19
C PRO B 394 26.73 6.30 9.80
N ALA B 395 27.69 5.38 9.88
CA ALA B 395 27.40 4.06 10.45
C ALA B 395 27.00 4.17 11.91
N ARG B 396 27.77 4.94 12.69
CA ARG B 396 27.47 5.07 14.12
C ARG B 396 26.15 5.77 14.35
N LEU B 397 25.84 6.80 13.55
CA LEU B 397 24.55 7.48 13.68
C LEU B 397 23.40 6.54 13.36
N ARG B 398 23.61 5.58 12.46
CA ARG B 398 22.58 4.59 12.15
C ARG B 398 22.30 3.69 13.35
N GLU B 399 23.35 3.16 13.98
CA GLU B 399 23.15 2.33 15.16
C GLU B 399 22.66 3.14 16.35
N ALA B 400 22.92 4.45 16.36
CA ALA B 400 22.50 5.28 17.48
C ALA B 400 21.00 5.52 17.44
N LEU B 401 20.46 5.91 16.29
CA LEU B 401 19.01 6.10 16.17
C LEU B 401 18.27 4.78 16.36
N SER B 402 18.88 3.66 15.94
CA SER B 402 18.31 2.36 16.24
C SER B 402 18.26 2.12 17.73
N ASP B 403 19.28 2.56 18.46
CA ASP B 403 19.27 2.45 19.91
C ASP B 403 18.25 3.41 20.52
N VAL B 404 18.10 4.60 19.94
CA VAL B 404 17.13 5.57 20.46
C VAL B 404 15.73 4.97 20.42
N VAL B 405 15.35 4.40 19.27
CA VAL B 405 14.01 3.83 19.14
C VAL B 405 13.89 2.56 19.96
N GLY B 406 14.93 1.73 19.96
CA GLY B 406 14.86 0.46 20.67
C GLY B 406 14.83 0.62 22.18
N ASP B 407 15.61 1.57 22.71
CA ASP B 407 15.62 1.77 24.15
C ASP B 407 14.36 2.49 24.62
N HIS B 408 13.93 3.52 23.90
CA HIS B 408 12.76 4.29 24.31
C HIS B 408 11.49 3.45 24.30
N ASN B 409 11.39 2.50 23.39
CA ASN B 409 10.15 1.76 23.18
C ASN B 409 10.13 0.36 23.77
N VAL B 410 11.28 -0.33 23.81
CA VAL B 410 11.28 -1.73 24.22
C VAL B 410 12.21 -1.97 25.40
N VAL B 411 13.51 -1.75 25.19
CA VAL B 411 14.52 -2.24 26.13
C VAL B 411 14.33 -1.63 27.52
N CYS B 412 14.07 -0.32 27.58
CA CYS B 412 14.01 0.34 28.88
C CYS B 412 12.64 0.16 29.56
N PRO B 413 11.52 0.18 28.83
CA PRO B 413 10.26 -0.22 29.47
C PRO B 413 10.29 -1.65 30.00
N VAL B 414 11.04 -2.54 29.37
CA VAL B 414 11.14 -3.91 29.84
C VAL B 414 12.01 -3.98 31.09
N ALA B 415 13.18 -3.31 31.05
CA ALA B 415 14.07 -3.31 32.21
C ALA B 415 13.39 -2.66 33.41
N GLN B 416 12.67 -1.56 33.19
CA GLN B 416 11.88 -0.94 34.25
C GLN B 416 10.90 -1.95 34.86
N LEU B 417 10.20 -2.70 34.00
CA LEU B 417 9.24 -3.69 34.47
C LEU B 417 9.95 -4.85 35.16
N ALA B 418 11.04 -5.34 34.58
CA ALA B 418 11.73 -6.49 35.14
C ALA B 418 12.29 -6.18 36.52
N GLY B 419 12.84 -4.99 36.71
CA GLY B 419 13.37 -4.62 38.02
C GLY B 419 12.30 -4.50 39.07
N ARG B 420 11.17 -3.87 38.74
CA ARG B 420 10.11 -3.69 39.72
C ARG B 420 9.47 -5.03 40.09
N LEU B 421 9.35 -5.94 39.12
CA LEU B 421 8.78 -7.26 39.42
C LEU B 421 9.66 -8.04 40.39
N ALA B 422 10.97 -8.07 40.14
CA ALA B 422 11.87 -8.84 40.99
C ALA B 422 11.95 -8.24 42.38
N ALA B 423 11.93 -6.92 42.49
CA ALA B 423 12.04 -6.26 43.79
C ALA B 423 10.73 -6.26 44.58
N GLN B 424 9.65 -6.82 44.03
CA GLN B 424 8.36 -6.78 44.68
C GLN B 424 7.69 -8.16 44.73
N GLY B 425 8.47 -9.22 44.70
CA GLY B 425 8.00 -10.56 45.00
C GLY B 425 8.13 -11.58 43.89
N ALA B 426 8.27 -11.15 42.64
CA ALA B 426 8.30 -12.07 41.52
C ALA B 426 9.71 -12.55 41.24
N ARG B 427 9.84 -13.83 40.88
CA ARG B 427 11.10 -14.36 40.37
C ARG B 427 11.15 -14.09 38.87
N VAL B 428 12.19 -13.41 38.42
CA VAL B 428 12.29 -12.92 37.05
C VAL B 428 13.53 -13.50 36.39
N TYR B 429 13.39 -13.91 35.13
CA TYR B 429 14.50 -14.32 34.30
C TYR B 429 14.54 -13.42 33.06
N ALA B 430 15.75 -12.98 32.70
CA ALA B 430 15.93 -12.04 31.59
C ALA B 430 16.90 -12.64 30.57
N TYR B 431 16.69 -12.25 29.31
CA TYR B 431 17.52 -12.73 28.22
C TYR B 431 17.72 -11.61 27.19
N VAL B 432 18.71 -11.81 26.32
CA VAL B 432 18.91 -10.98 25.14
C VAL B 432 19.18 -11.92 23.97
N PHE B 433 18.30 -11.87 22.97
CA PHE B 433 18.44 -12.73 21.79
C PHE B 433 19.40 -12.08 20.80
N GLU B 434 20.51 -12.77 20.51
CA GLU B 434 21.59 -12.18 19.73
C GLU B 434 21.94 -12.98 18.47
N HIS B 435 21.17 -14.00 18.12
CA HIS B 435 21.43 -14.78 16.92
C HIS B 435 20.58 -14.24 15.77
N ARG B 436 21.24 -13.90 14.67
CA ARG B 436 20.54 -13.48 13.46
C ARG B 436 20.35 -14.70 12.56
N ALA B 437 19.10 -14.96 12.20
CA ALA B 437 18.78 -16.15 11.40
C ALA B 437 19.52 -16.13 10.08
N SER B 438 20.00 -17.31 9.68
CA SER B 438 20.75 -17.44 8.42
C SER B 438 19.88 -17.19 7.20
N THR B 439 18.56 -17.29 7.35
CA THR B 439 17.62 -17.09 6.25
C THR B 439 16.95 -15.72 6.29
N LEU B 440 17.44 -14.82 7.15
CA LEU B 440 16.78 -13.53 7.34
C LEU B 440 16.88 -12.68 6.08
N SER B 441 15.73 -12.17 5.62
CA SER B 441 15.66 -11.40 4.40
C SER B 441 15.90 -9.91 4.59
N TRP B 442 15.79 -9.41 5.82
CA TRP B 442 16.08 -8.01 6.08
C TRP B 442 17.57 -7.74 5.89
N PRO B 443 17.95 -6.49 5.58
CA PRO B 443 19.37 -6.19 5.31
C PRO B 443 20.24 -6.47 6.53
N LEU B 444 21.55 -6.60 6.26
CA LEU B 444 22.48 -6.98 7.30
C LEU B 444 22.60 -5.91 8.38
N TRP B 445 22.44 -4.63 8.00
CA TRP B 445 22.64 -3.55 8.98
C TRP B 445 21.56 -3.53 10.04
N MET B 446 20.46 -4.25 9.87
CA MET B 446 19.44 -4.34 10.92
C MET B 446 19.81 -5.29 12.04
N GLY B 447 20.85 -6.10 11.86
CA GLY B 447 21.30 -6.96 12.94
C GLY B 447 20.28 -8.03 13.25
N VAL B 448 19.86 -8.08 14.51
CA VAL B 448 18.80 -8.97 14.95
C VAL B 448 17.54 -8.14 15.15
N PRO B 449 16.69 -8.01 14.15
CA PRO B 449 15.56 -7.08 14.23
C PRO B 449 14.50 -7.56 15.20
N HIS B 450 13.59 -6.64 15.52
CA HIS B 450 12.48 -6.93 16.41
C HIS B 450 11.55 -7.97 15.80
N GLY B 451 11.32 -9.06 16.54
CA GLY B 451 10.38 -10.07 16.14
C GLY B 451 10.97 -11.31 15.51
N TYR B 452 12.29 -11.40 15.39
CA TYR B 452 12.92 -12.53 14.69
C TYR B 452 13.61 -13.49 15.66
N GLU B 453 13.13 -13.53 16.90
CA GLU B 453 13.36 -14.64 17.80
C GLU B 453 12.18 -15.60 17.84
N ILE B 454 11.03 -15.18 17.30
CA ILE B 454 9.81 -15.98 17.37
C ILE B 454 9.98 -17.31 16.64
N GLU B 455 10.57 -17.27 15.43
CA GLU B 455 10.71 -18.48 14.65
C GLU B 455 11.57 -19.54 15.34
N PHE B 456 12.46 -19.12 16.23
CA PHE B 456 13.25 -20.10 16.98
C PHE B 456 12.51 -20.61 18.21
N ILE B 457 11.65 -19.79 18.80
CA ILE B 457 10.86 -20.24 19.95
C ILE B 457 9.84 -21.30 19.53
N PHE B 458 9.28 -21.15 18.32
CA PHE B 458 8.28 -22.09 17.81
C PHE B 458 8.89 -23.25 17.03
N GLY B 459 10.22 -23.36 17.00
CA GLY B 459 10.86 -24.48 16.34
C GLY B 459 10.71 -24.50 14.84
N ILE B 460 10.56 -23.33 14.21
CA ILE B 460 10.44 -23.28 12.75
C ILE B 460 11.66 -23.86 12.04
N PRO B 461 12.89 -23.71 12.54
CA PRO B 461 14.03 -24.39 11.87
C PRO B 461 13.85 -25.89 11.70
N LEU B 462 13.01 -26.54 12.51
CA LEU B 462 12.79 -27.98 12.36
C LEU B 462 11.95 -28.33 11.14
N ASP B 463 11.31 -27.35 10.51
CA ASP B 463 10.52 -27.59 9.31
C ASP B 463 11.43 -28.08 8.19
N PRO B 464 11.18 -29.26 7.63
CA PRO B 464 12.08 -29.79 6.58
C PRO B 464 12.11 -28.96 5.32
N SER B 465 11.06 -28.20 5.03
CA SER B 465 10.98 -27.40 3.81
C SER B 465 11.68 -26.05 3.93
N ARG B 466 12.51 -25.86 4.96
CA ARG B 466 13.23 -24.62 5.16
C ARG B 466 14.73 -24.88 5.09
N ASN B 467 15.49 -23.81 4.91
CA ASN B 467 16.93 -23.88 4.69
C ASN B 467 17.72 -23.39 5.90
N TYR B 468 17.32 -23.81 7.09
CA TYR B 468 18.08 -23.47 8.29
C TYR B 468 19.31 -24.38 8.42
N THR B 469 20.28 -23.93 9.20
CA THR B 469 21.50 -24.70 9.41
C THR B 469 21.28 -25.74 10.51
N ALA B 470 22.25 -26.67 10.61
CA ALA B 470 22.17 -27.70 11.63
C ALA B 470 22.31 -27.11 13.03
N GLU B 471 23.16 -26.09 13.19
CA GLU B 471 23.31 -25.47 14.50
C GLU B 471 22.05 -24.71 14.90
N GLU B 472 21.32 -24.16 13.92
CA GLU B 472 20.08 -23.45 14.23
C GLU B 472 18.99 -24.41 14.66
N LYS B 473 19.04 -25.66 14.20
CA LYS B 473 18.07 -26.66 14.65
C LYS B 473 18.32 -27.05 16.10
N ILE B 474 19.59 -27.26 16.47
CA ILE B 474 19.93 -27.54 17.87
C ILE B 474 19.63 -26.33 18.73
N PHE B 475 19.93 -25.13 18.22
CA PHE B 475 19.66 -23.91 18.98
C PHE B 475 18.17 -23.71 19.22
N ALA B 476 17.34 -24.05 18.21
CA ALA B 476 15.90 -23.93 18.38
C ALA B 476 15.37 -24.90 19.43
N GLN B 477 15.96 -26.10 19.51
CA GLN B 477 15.54 -27.06 20.53
C GLN B 477 15.93 -26.61 21.93
N ARG B 478 17.06 -25.92 22.06
CA ARG B 478 17.45 -25.35 23.35
C ARG B 478 16.41 -24.36 23.83
N LEU B 479 15.97 -23.47 22.94
CA LEU B 479 15.02 -22.43 23.33
C LEU B 479 13.66 -23.01 23.68
N MET B 480 13.19 -23.98 22.89
CA MET B 480 11.94 -24.66 23.23
C MET B 480 12.03 -25.34 24.59
N ARG B 481 13.20 -25.88 24.91
CA ARG B 481 13.41 -26.47 26.23
C ARG B 481 13.39 -25.40 27.31
N TYR B 482 14.02 -24.25 27.06
CA TYR B 482 13.98 -23.15 28.01
C TYR B 482 12.54 -22.70 28.28
N TRP B 483 11.77 -22.48 27.21
CA TRP B 483 10.41 -22.00 27.37
C TRP B 483 9.51 -23.06 28.00
N ALA B 484 9.74 -24.34 27.69
CA ALA B 484 8.92 -25.39 28.27
C ALA B 484 9.25 -25.61 29.73
N ASN B 485 10.54 -25.60 30.08
CA ASN B 485 10.93 -25.73 31.49
C ASN B 485 10.29 -24.62 32.32
N PHE B 486 10.26 -23.39 31.78
CA PHE B 486 9.62 -22.30 32.50
C PHE B 486 8.12 -22.52 32.62
N ALA B 487 7.49 -23.07 31.58
CA ALA B 487 6.06 -23.32 31.65
C ALA B 487 5.74 -24.42 32.66
N ARG B 488 6.61 -25.43 32.77
CA ARG B 488 6.37 -26.53 33.69
C ARG B 488 6.70 -26.13 35.13
N THR B 489 7.93 -25.68 35.37
CA THR B 489 8.42 -25.47 36.72
C THR B 489 8.56 -24.00 37.12
N GLY B 490 8.44 -23.07 36.19
CA GLY B 490 8.74 -21.68 36.49
C GLY B 490 10.21 -21.35 36.47
N ASP B 491 11.05 -22.26 35.99
CA ASP B 491 12.50 -22.10 35.95
C ASP B 491 13.01 -22.61 34.61
N PRO B 492 13.61 -21.74 33.78
CA PRO B 492 14.12 -22.20 32.48
C PRO B 492 15.29 -23.16 32.59
N ASN B 493 15.94 -23.24 33.74
CA ASN B 493 17.08 -24.14 33.91
C ASN B 493 16.61 -25.60 33.94
N GLU B 494 17.49 -26.49 33.50
CA GLU B 494 17.18 -27.91 33.48
C GLU B 494 17.13 -28.45 34.90
N PRO B 495 16.01 -28.99 35.36
CA PRO B 495 15.95 -29.50 36.75
C PRO B 495 16.81 -30.72 36.99
N ARG B 496 17.13 -31.49 35.96
CA ARG B 496 17.96 -32.69 36.09
C ARG B 496 19.39 -32.47 35.62
N ASP B 497 19.91 -31.24 35.73
CA ASP B 497 21.18 -30.99 35.07
C ASP B 497 22.01 -29.89 35.72
N PRO B 498 23.20 -30.21 36.22
CA PRO B 498 24.21 -29.18 36.50
C PRO B 498 25.27 -29.03 35.41
N LYS B 499 25.14 -29.74 34.29
CA LYS B 499 26.15 -29.68 33.24
C LYS B 499 26.09 -28.35 32.50
N ALA B 500 24.90 -27.95 32.04
CA ALA B 500 24.76 -26.76 31.23
C ALA B 500 24.96 -25.50 32.08
N PRO B 501 25.36 -24.39 31.45
CA PRO B 501 25.45 -23.12 32.18
C PRO B 501 24.09 -22.72 32.71
N GLN B 502 24.07 -22.28 33.97
CA GLN B 502 22.81 -21.97 34.64
C GLN B 502 22.34 -20.56 34.28
N TRP B 503 21.02 -20.39 34.29
CA TRP B 503 20.36 -19.13 34.01
C TRP B 503 19.99 -18.48 35.33
N PRO B 504 20.76 -17.50 35.82
CA PRO B 504 20.47 -16.92 37.13
C PRO B 504 19.29 -15.96 37.06
N PRO B 505 18.50 -15.88 38.12
CA PRO B 505 17.36 -14.95 38.11
C PRO B 505 17.81 -13.50 37.98
N TYR B 506 16.94 -12.69 37.40
CA TYR B 506 17.16 -11.26 37.27
C TYR B 506 16.69 -10.57 38.55
N THR B 507 17.58 -9.79 39.15
CA THR B 507 17.28 -9.06 40.38
C THR B 507 17.45 -7.57 40.14
N ALA B 508 16.79 -6.77 40.99
CA ALA B 508 16.90 -5.33 40.87
C ALA B 508 18.31 -4.82 41.15
N GLY B 509 19.13 -5.60 41.86
CA GLY B 509 20.48 -5.19 42.18
C GLY B 509 21.52 -5.70 41.20
N ALA B 510 21.65 -7.03 41.09
CA ALA B 510 22.65 -7.59 40.19
C ALA B 510 22.27 -7.42 38.73
N GLN B 511 20.97 -7.48 38.42
CA GLN B 511 20.45 -7.28 37.07
C GLN B 511 21.10 -8.23 36.07
N GLN B 512 21.10 -9.51 36.41
CA GLN B 512 21.74 -10.53 35.59
C GLN B 512 20.79 -11.04 34.51
N TYR B 513 21.32 -11.21 33.31
CA TYR B 513 20.60 -11.81 32.21
C TYR B 513 21.57 -12.70 31.43
N VAL B 514 21.03 -13.46 30.47
CA VAL B 514 21.84 -14.34 29.64
C VAL B 514 21.67 -13.94 28.19
N SER B 515 22.70 -14.24 27.40
CA SER B 515 22.67 -14.02 25.96
C SER B 515 22.26 -15.31 25.28
N LEU B 516 21.28 -15.22 24.38
CA LEU B 516 20.76 -16.38 23.66
C LEU B 516 21.29 -16.36 22.24
N ASP B 517 22.20 -17.27 21.93
CA ASP B 517 22.72 -17.44 20.58
C ASP B 517 23.23 -18.87 20.45
N LEU B 518 23.99 -19.13 19.37
CA LEU B 518 24.49 -20.48 19.14
C LEU B 518 25.50 -20.91 20.21
N ARG B 519 26.16 -19.96 20.84
CA ARG B 519 27.10 -20.25 21.90
C ARG B 519 26.36 -20.62 23.19
N PRO B 520 27.02 -21.33 24.11
CA PRO B 520 26.40 -21.62 25.41
C PRO B 520 26.06 -20.33 26.15
N LEU B 521 25.21 -20.49 27.17
CA LEU B 521 24.72 -19.34 27.92
C LEU B 521 25.87 -18.53 28.50
N GLU B 522 25.74 -17.21 28.43
CA GLU B 522 26.72 -16.28 28.98
C GLU B 522 25.99 -15.28 29.86
N VAL B 523 26.42 -15.17 31.12
CA VAL B 523 25.77 -14.29 32.07
C VAL B 523 26.33 -12.87 31.89
N ARG B 524 25.44 -11.89 31.82
CA ARG B 524 25.81 -10.49 31.75
C ARG B 524 25.00 -9.71 32.78
N ARG B 525 25.32 -8.43 32.92
CA ARG B 525 24.71 -7.59 33.94
C ARG B 525 24.27 -6.27 33.34
N GLY B 526 23.06 -5.84 33.68
CA GLY B 526 22.53 -4.58 33.22
C GLY B 526 21.95 -4.62 31.82
N LEU B 527 20.63 -4.42 31.72
CA LEU B 527 19.97 -4.32 30.42
C LEU B 527 20.04 -2.87 29.95
N ARG B 528 21.21 -2.49 29.46
CA ARG B 528 21.51 -1.13 29.02
C ARG B 528 21.20 -0.15 30.15
N ALA B 529 21.89 -0.36 31.28
CA ALA B 529 21.57 0.37 32.50
C ALA B 529 21.82 1.87 32.36
N GLN B 530 22.94 2.24 31.73
CA GLN B 530 23.25 3.66 31.59
C GLN B 530 22.26 4.36 30.68
N ALA B 531 21.87 3.72 29.58
CA ALA B 531 20.92 4.32 28.66
C ALA B 531 19.53 4.39 29.26
N CYS B 532 19.11 3.34 29.97
CA CYS B 532 17.77 3.29 30.54
C CYS B 532 17.60 4.20 31.74
N ALA B 533 18.69 4.56 32.42
CA ALA B 533 18.58 5.57 33.47
C ALA B 533 18.24 6.93 32.88
N PHE B 534 18.62 7.18 31.63
CA PHE B 534 18.24 8.43 30.98
C PHE B 534 16.74 8.46 30.70
N TRP B 535 16.19 7.36 30.19
CA TRP B 535 14.77 7.33 29.87
C TRP B 535 13.90 7.16 31.11
N ASN B 536 14.31 6.31 32.05
CA ASN B 536 13.47 5.99 33.18
C ASN B 536 13.60 6.96 34.35
N ARG B 537 14.76 7.59 34.52
CA ARG B 537 15.00 8.47 35.64
C ARG B 537 15.09 9.95 35.27
N PHE B 538 15.94 10.30 34.30
CA PHE B 538 16.23 11.71 34.06
C PHE B 538 15.16 12.38 33.21
N LEU B 539 14.80 11.77 32.07
CA LEU B 539 13.88 12.42 31.14
C LEU B 539 12.54 12.78 31.76
N PRO B 540 11.92 11.97 32.61
CA PRO B 540 10.70 12.44 33.30
C PRO B 540 10.93 13.71 34.11
N LYS B 541 12.11 13.87 34.72
CA LYS B 541 12.41 15.12 35.40
C LYS B 541 12.52 16.28 34.42
N LEU B 542 12.99 16.01 33.20
CA LEU B 542 13.17 17.08 32.22
C LEU B 542 11.83 17.55 31.66
N LEU B 543 10.85 16.66 31.55
CA LEU B 543 9.55 17.04 31.02
C LEU B 543 8.69 17.75 32.06
N SER B 544 8.86 17.42 33.34
CA SER B 544 8.11 18.11 34.38
C SER B 544 8.53 19.57 34.48
N ALA B 545 9.83 19.85 34.37
CA ALA B 545 10.33 21.21 34.33
C ALA B 545 10.24 21.82 32.93
N THR B 546 9.66 21.10 31.97
CA THR B 546 9.52 21.56 30.59
C THR B 546 10.84 22.02 29.99
CAI LND C . 1.86 6.97 -4.55
CAF LND C . 2.46 6.31 -3.51
CAQ LND C . 2.90 7.03 -2.40
CAP LND C . 3.55 6.30 -1.27
OAB LND C . 3.45 6.72 -0.12
NAA LND C . 4.21 5.19 -1.60
CAG LND C . 2.72 8.41 -2.39
CAJ LND C . 2.11 9.02 -3.47
NAT LND C . 1.70 8.30 -4.51
CAM LND C . 1.05 8.98 -5.65
CAK LND C . -0.23 8.28 -6.08
CAL LND C . -0.56 8.54 -7.55
NAS LND C . -1.07 9.89 -7.78
CAH LND C . -0.41 11.03 -7.39
CAE LND C . -1.20 12.08 -7.78
NAO LND C . -2.32 11.61 -8.40
CAR LND C . -2.22 10.29 -8.39
CAD LND C . -3.19 9.36 -8.94
NAN LND C . -2.93 8.70 -10.02
OAC LND C . -3.92 7.83 -10.44
C1 GOL D . -5.93 6.72 -16.10
O1 GOL D . -6.03 8.09 -16.41
C2 GOL D . -6.38 6.47 -14.68
O2 GOL D . -7.04 7.62 -14.18
C3 GOL D . -5.17 6.17 -13.81
O3 GOL D . -5.52 6.28 -12.44
C1 GOL E . -15.90 2.96 -11.25
O1 GOL E . -16.84 3.07 -10.21
C2 GOL E . -16.62 2.70 -12.57
O2 GOL E . -15.90 3.28 -13.63
C3 GOL E . -18.01 3.29 -12.52
O3 GOL E . -18.68 3.06 -13.75
C1 GOL F . 17.27 -10.31 -14.14
O1 GOL F . 17.78 -10.19 -15.46
C2 GOL F . 17.72 -9.12 -13.32
O2 GOL F . 19.04 -9.33 -12.86
C3 GOL F . 16.78 -8.93 -12.12
O3 GOL F . 16.90 -10.03 -11.25
C1 GOL G . 9.83 -2.23 -37.47
O1 GOL G . 11.17 -2.19 -37.00
C2 GOL G . 9.19 -3.54 -37.06
O2 GOL G . 9.24 -4.46 -38.13
C3 GOL G . 7.73 -3.29 -36.68
O3 GOL G . 7.09 -4.51 -36.42
C1 GOL H . -20.36 18.66 -8.98
O1 GOL H . -21.19 18.76 -7.85
C2 GOL H . -18.91 18.91 -8.57
O2 GOL H . -18.82 18.91 -7.16
C3 GOL H . -18.44 20.26 -9.10
O3 GOL H . -18.47 20.25 -10.51
CAI LND I . 1.50 2.47 7.84
CAF LND I . 0.99 3.11 6.73
CAQ LND I . 1.11 4.49 6.64
CAP LND I . 0.56 5.18 5.43
OAB LND I . 1.12 6.17 4.98
NAA LND I . -0.55 4.65 4.91
CAG LND I . 1.75 5.18 7.67
CAJ LND I . 2.23 4.50 8.74
NAT LND I . 2.11 3.16 8.82
CAM LND I . 2.64 2.44 9.99
CAK LND I . 3.60 1.34 9.58
CAL LND I . 3.93 0.40 10.76
NAS LND I . 4.88 1.00 11.69
CAH LND I . 5.13 2.33 11.78
CAE LND I . 6.08 2.48 12.76
NAO LND I . 6.42 1.26 13.27
CAR LND I . 5.69 0.37 12.60
CAD LND I . 5.69 -1.07 12.79
NAN LND I . 5.76 -1.86 11.80
OAC LND I . 5.77 -3.22 12.10
C1 GOL J . 5.06 -7.62 13.49
O1 GOL J . 5.50 -6.61 12.61
C2 GOL J . 6.27 -8.22 14.21
O2 GOL J . 7.41 -7.44 13.95
C3 GOL J . 5.99 -8.22 15.71
O3 GOL J . 4.81 -8.93 15.97
C1 GOL K . 12.28 -13.52 7.36
O1 GOL K . 12.99 -13.56 6.14
C2 GOL K . 12.20 -14.92 7.96
O2 GOL K . 12.05 -14.82 9.36
C3 GOL K . 13.47 -15.70 7.62
O3 GOL K . 14.16 -16.02 8.80
C1 GOL L . -21.44 -2.95 7.99
O1 GOL L . -21.36 -2.80 6.59
C2 GOL L . -22.87 -3.25 8.39
O2 GOL L . -23.50 -2.06 8.81
C3 GOL L . -22.88 -4.27 9.54
O3 GOL L . -22.31 -5.48 9.10
C1 GOL M . -16.52 -17.74 29.87
O1 GOL M . -17.55 -17.01 30.51
C2 GOL M . -17.11 -18.97 29.20
O2 GOL M . -18.51 -18.83 29.12
C3 GOL M . -16.53 -19.13 27.80
O3 GOL M . -15.18 -19.55 27.90
C1 GOL N . 23.92 -3.43 14.61
O1 GOL N . 24.24 -3.92 15.89
C2 GOL N . 24.14 -4.53 13.57
O2 GOL N . 25.12 -5.42 14.04
C3 GOL N . 24.61 -3.90 12.27
O3 GOL N . 25.88 -3.32 12.44
#